data_5TWN
#
_entry.id   5TWN
#
_cell.length_a   66.000
_cell.length_b   91.100
_cell.length_c   233.300
_cell.angle_alpha   90.000
_cell.angle_beta   90.000
_cell.angle_gamma   90.000
#
_symmetry.space_group_name_H-M   'P 21 21 21'
#
loop_
_entity.id
_entity.type
_entity.pdbx_description
1 polymer 'NS5B RNA- DEPENDENT RNA POLYMERASE'
2 non-polymer '(2E)-3-(4-{[(1-{[(13-cyclohexyl-6-oxo-6,7-dihydro-5H-indolo[1,2-d][1,4]benzodiazepin-10-yl)carbonyl]amino}cyclopentyl)carbonyl]amino}phenyl)prop-2-enoic acid'
3 non-polymer 'SULFATE ION'
4 non-polymer 5-[3-(tert-butylcarbamoyl)phenyl]-6-(ethylamino)-2-(4-fluorophenyl)-N-methylfuro[2,3-b]pyridine-3-carboxamide
#
_entity_poly.entity_id   1
_entity_poly.type   'polypeptide(L)'
_entity_poly.pdbx_seq_one_letter_code
;MSMSYTWTGALITPCAAEETKLPINALSNSLLRHHNLVYATTSRSASLRQKKVTFDRLQVLDDHYRDVLKEMKAKASTVK
AKLLSVEEACKLTPPHSARSKFGYGAKDVRNLSSKAVNHIRSVWKDLLEDTETPIDTTIMAKNEVFCVQPEKGGRKPARL
IVFPDLGVRVCEKMALYDVVSTLPQAVMGSSYGFQYSPGQRVEFLVNAWKAKKCPMGFAYDTRCFDSTVTENDIRVEESI
YQCCDLAPEARQAIRSLTERLYIGGPLTNSKGQNCGYRRCRASGVLTTSCGNTLTCYLKAAAACRAAKLQDCTMLVCGDD
LVVICESAGTQEDEASLRAFTEAMTRYSAPPGDPPKPEYDLELITSCSSNVSVAHDASGKRVYYLTRDPTTPLARAAWET
ARHTPVNSWLGNIIMYAPTLWARMILMTHFFSILLAQEQLEKALDCQIYGACYSIEPLDLPQIIQRLHGLSAFSLHSYSP
GEINRVASCLRKLGVPPLRVWRHRARSVRARLLSQGGRAATCGKYLFNWAVRTKLKLTPIPAASQLDLSSWFVAGYSGGD
IYHSLSRARPRWFM
;
_entity_poly.pdbx_strand_id   A,B
#
loop_
_chem_comp.id
_chem_comp.type
_chem_comp.name
_chem_comp.formula
23E non-polymer '(2E)-3-(4-{[(1-{[(13-cyclohexyl-6-oxo-6,7-dihydro-5H-indolo[1,2-d][1,4]benzodiazepin-10-yl)carbonyl]amino}cyclopentyl)carbonyl]amino}phenyl)prop-2-enoic acid' 'C38 H38 N4 O5'
7NG non-polymer 5-[3-(tert-butylcarbamoyl)phenyl]-6-(ethylamino)-2-(4-fluorophenyl)-N-methylfuro[2,3-b]pyridine-3-carboxamide 'C28 H29 F N4 O3'
SO4 non-polymer 'SULFATE ION' 'O4 S -2'
#
# COMPACT_ATOMS: atom_id res chain seq x y z
N SER A 2 27.09 1.96 -0.24
CA SER A 2 27.91 0.87 -0.79
C SER A 2 28.39 1.20 -2.21
N MET A 3 29.27 0.34 -2.75
CA MET A 3 29.78 0.47 -4.13
C MET A 3 28.67 0.06 -5.10
N SER A 4 28.50 0.81 -6.19
CA SER A 4 27.49 0.52 -7.23
C SER A 4 27.77 -0.86 -7.83
N TYR A 5 29.06 -1.14 -8.11
CA TYR A 5 29.60 -2.41 -8.59
C TYR A 5 30.94 -2.73 -7.91
N THR A 6 31.30 -4.01 -7.90
CA THR A 6 32.60 -4.56 -7.47
C THR A 6 32.97 -5.50 -8.60
N TRP A 7 34.28 -5.63 -8.89
CA TRP A 7 34.70 -6.48 -9.99
C TRP A 7 35.79 -7.48 -9.64
N THR A 8 35.75 -8.65 -10.30
CA THR A 8 36.73 -9.72 -10.16
C THR A 8 37.89 -9.51 -11.14
N GLY A 9 37.62 -8.82 -12.23
CA GLY A 9 38.61 -8.55 -13.26
C GLY A 9 38.33 -9.33 -14.53
N ALA A 10 37.40 -10.34 -14.42
CA ALA A 10 36.90 -11.14 -15.52
C ALA A 10 36.29 -10.15 -16.54
N LEU A 11 36.72 -10.25 -17.81
CA LEU A 11 36.29 -9.32 -18.85
C LEU A 11 34.81 -9.46 -19.16
N ILE A 12 34.20 -8.36 -19.63
CA ILE A 12 32.83 -8.38 -20.10
C ILE A 12 32.94 -8.87 -21.55
N THR A 13 32.62 -10.15 -21.75
CA THR A 13 32.73 -10.85 -23.02
C THR A 13 31.45 -10.73 -23.89
N PRO A 14 31.56 -10.78 -25.24
CA PRO A 14 30.35 -10.66 -26.10
C PRO A 14 29.72 -11.99 -26.57
N CYS A 15 28.60 -11.91 -27.33
CA CYS A 15 27.85 -13.05 -27.88
C CYS A 15 28.03 -13.17 -29.40
N TYR A 39 30.22 3.80 -36.33
CA TYR A 39 30.73 2.75 -35.47
C TYR A 39 29.66 2.15 -34.55
N ALA A 40 29.85 0.89 -34.17
CA ALA A 40 28.99 0.20 -33.21
C ALA A 40 29.85 0.05 -31.97
N THR A 41 29.40 0.61 -30.83
CA THR A 41 30.16 0.54 -29.57
C THR A 41 30.35 -0.94 -29.19
N THR A 42 31.61 -1.34 -28.89
CA THR A 42 31.98 -2.73 -28.61
C THR A 42 32.40 -3.02 -27.16
N SER A 43 32.64 -4.33 -26.87
CA SER A 43 33.07 -4.84 -25.56
C SER A 43 34.53 -4.48 -25.19
N ARG A 44 35.24 -3.75 -26.09
CA ARG A 44 36.61 -3.27 -25.90
C ARG A 44 36.63 -2.08 -24.89
N SER A 45 35.75 -1.08 -25.16
CA SER A 45 35.59 0.13 -24.36
C SER A 45 34.83 -0.10 -23.04
N ALA A 46 34.42 -1.38 -22.77
CA ALA A 46 33.66 -1.80 -21.58
C ALA A 46 34.34 -1.44 -20.26
N SER A 47 35.69 -1.54 -20.22
CA SER A 47 36.54 -1.23 -19.06
C SER A 47 36.50 0.25 -18.68
N LEU A 48 36.45 1.13 -19.69
CA LEU A 48 36.39 2.60 -19.52
C LEU A 48 35.11 3.01 -18.83
N ARG A 49 34.00 2.36 -19.24
CA ARG A 49 32.67 2.57 -18.70
C ARG A 49 32.66 2.09 -17.25
N GLN A 50 33.11 0.85 -16.99
CA GLN A 50 33.21 0.25 -15.66
C GLN A 50 33.78 1.22 -14.62
N LYS A 51 34.90 1.88 -14.94
CA LYS A 51 35.52 2.87 -14.07
C LYS A 51 34.57 4.05 -13.70
N LYS A 52 33.79 4.56 -14.66
CA LYS A 52 32.84 5.68 -14.47
C LYS A 52 31.64 5.32 -13.54
N VAL A 53 31.01 4.17 -13.83
CA VAL A 53 29.82 3.66 -13.13
C VAL A 53 30.12 2.98 -11.79
N THR A 54 31.41 2.91 -11.38
CA THR A 54 31.81 2.26 -10.12
C THR A 54 32.24 3.30 -9.08
N PHE A 55 31.46 3.39 -7.98
CA PHE A 55 31.65 4.33 -6.88
C PHE A 55 30.77 4.04 -5.66
N ASP A 56 31.22 4.51 -4.48
CA ASP A 56 30.41 4.41 -3.27
C ASP A 56 29.28 5.50 -3.36
N ARG A 57 28.05 5.16 -2.95
CA ARG A 57 26.96 6.14 -3.00
C ARG A 57 26.70 6.74 -1.63
N LEU A 58 26.59 8.08 -1.58
CA LEU A 58 26.27 8.82 -0.35
C LEU A 58 24.87 9.47 -0.48
N GLN A 59 23.96 9.10 0.42
CA GLN A 59 22.59 9.57 0.35
C GLN A 59 22.06 10.07 1.70
N VAL A 60 21.53 11.30 1.72
CA VAL A 60 20.95 11.91 2.92
C VAL A 60 19.52 12.32 2.58
N LEU A 61 18.55 11.74 3.32
CA LEU A 61 17.13 12.04 3.11
C LEU A 61 16.64 13.08 4.09
N ASP A 62 15.57 13.77 3.74
CA ASP A 62 14.98 14.81 4.56
C ASP A 62 13.46 14.72 4.58
N ASP A 63 12.83 15.71 5.20
CA ASP A 63 11.39 15.78 5.35
C ASP A 63 10.69 16.02 4.03
N HIS A 64 11.28 16.80 3.13
CA HIS A 64 10.70 17.03 1.80
C HIS A 64 10.57 15.70 1.05
N TYR A 65 11.68 14.92 1.05
CA TYR A 65 11.73 13.60 0.45
C TYR A 65 10.64 12.74 1.08
N ARG A 66 10.63 12.62 2.43
CA ARG A 66 9.66 11.84 3.22
C ARG A 66 8.18 12.22 2.91
N ASP A 67 7.90 13.52 2.79
CA ASP A 67 6.57 14.04 2.48
C ASP A 67 6.05 13.57 1.12
N VAL A 68 6.81 13.89 0.05
CA VAL A 68 6.51 13.54 -1.34
C VAL A 68 6.28 12.03 -1.42
N LEU A 69 7.15 11.25 -0.74
CA LEU A 69 7.05 9.80 -0.68
C LEU A 69 5.67 9.37 -0.16
N LYS A 70 5.21 9.94 0.96
CA LYS A 70 3.89 9.61 1.51
C LYS A 70 2.75 10.00 0.50
N GLU A 71 2.90 11.16 -0.19
CA GLU A 71 1.91 11.60 -1.16
C GLU A 71 1.83 10.60 -2.35
N MET A 72 3.01 10.09 -2.78
CA MET A 72 3.10 9.10 -3.85
C MET A 72 2.41 7.79 -3.44
N LYS A 73 2.74 7.29 -2.22
CA LYS A 73 2.23 6.05 -1.61
C LYS A 73 0.69 6.10 -1.56
N ALA A 74 0.12 7.29 -1.19
CA ALA A 74 -1.32 7.50 -1.09
C ALA A 74 -2.00 7.31 -2.46
N LYS A 75 -1.35 7.79 -3.55
CA LYS A 75 -1.89 7.65 -4.89
C LYS A 75 -1.77 6.18 -5.37
N ALA A 76 -0.70 5.47 -4.92
CA ALA A 76 -0.49 4.06 -5.25
C ALA A 76 -1.57 3.18 -4.60
N SER A 77 -2.03 3.59 -3.39
CA SER A 77 -3.05 2.87 -2.64
C SER A 77 -4.32 2.59 -3.46
N THR A 78 -4.62 3.50 -4.42
CA THR A 78 -5.79 3.39 -5.32
C THR A 78 -5.61 2.31 -6.41
N VAL A 79 -4.38 1.86 -6.67
CA VAL A 79 -4.12 0.82 -7.67
C VAL A 79 -4.44 -0.60 -7.18
N LYS A 80 -5.05 -1.41 -8.08
CA LYS A 80 -5.33 -2.84 -7.92
C LYS A 80 -4.63 -3.50 -9.10
N ALA A 81 -3.74 -4.46 -8.85
CA ALA A 81 -3.03 -5.09 -9.96
C ALA A 81 -3.27 -6.56 -10.02
N LYS A 82 -3.30 -7.13 -11.21
CA LYS A 82 -3.61 -8.55 -11.38
C LYS A 82 -2.40 -9.42 -11.67
N LEU A 83 -2.44 -10.64 -11.18
CA LEU A 83 -1.42 -11.65 -11.42
C LEU A 83 -1.62 -12.18 -12.84
N LEU A 84 -0.55 -12.16 -13.66
CA LEU A 84 -0.60 -12.66 -15.04
C LEU A 84 -0.41 -14.16 -15.00
N SER A 85 -1.00 -14.88 -15.97
CA SER A 85 -0.87 -16.35 -16.07
C SER A 85 0.47 -16.69 -16.72
N VAL A 86 0.91 -17.95 -16.63
CA VAL A 86 2.15 -18.38 -17.33
C VAL A 86 1.97 -18.03 -18.84
N GLU A 87 0.82 -18.45 -19.42
CA GLU A 87 0.45 -18.17 -20.80
C GLU A 87 0.54 -16.66 -21.12
N GLU A 88 -0.18 -15.82 -20.33
CA GLU A 88 -0.22 -14.35 -20.50
C GLU A 88 1.18 -13.75 -20.54
N ALA A 89 2.07 -14.20 -19.61
CA ALA A 89 3.45 -13.76 -19.47
C ALA A 89 4.29 -14.13 -20.70
N CYS A 90 4.14 -15.39 -21.19
CA CYS A 90 4.83 -16.00 -22.33
C CYS A 90 4.63 -15.22 -23.60
N LYS A 91 3.36 -14.91 -23.94
CA LYS A 91 2.99 -14.14 -25.09
C LYS A 91 3.59 -12.74 -25.06
N LEU A 92 4.01 -12.30 -23.86
CA LEU A 92 4.63 -10.98 -23.74
C LEU A 92 6.13 -11.00 -24.08
N THR A 93 6.73 -12.24 -24.22
CA THR A 93 8.16 -12.47 -24.45
C THR A 93 8.56 -12.22 -25.89
N PRO A 94 9.55 -11.34 -26.17
CA PRO A 94 9.98 -11.14 -27.58
C PRO A 94 10.51 -12.41 -28.25
N PRO A 95 10.16 -12.67 -29.54
CA PRO A 95 10.64 -13.89 -30.21
C PRO A 95 12.17 -14.02 -30.32
N HIS A 96 12.93 -12.96 -30.16
CA HIS A 96 14.38 -13.16 -30.23
C HIS A 96 15.05 -12.92 -28.88
N SER A 97 14.23 -12.94 -27.80
CA SER A 97 14.65 -12.79 -26.42
C SER A 97 15.79 -13.78 -26.10
N ALA A 98 16.78 -13.33 -25.31
CA ALA A 98 17.93 -14.13 -24.91
C ALA A 98 17.53 -15.48 -24.36
N ARG A 99 18.12 -16.57 -24.89
CA ARG A 99 17.74 -17.91 -24.46
C ARG A 99 18.16 -18.23 -23.04
N SER A 100 17.32 -18.97 -22.35
CA SER A 100 17.61 -19.42 -21.00
C SER A 100 18.84 -20.31 -20.98
N LYS A 101 19.53 -20.32 -19.83
CA LYS A 101 20.68 -21.17 -19.59
C LYS A 101 20.20 -22.57 -19.13
N PHE A 102 18.88 -22.79 -19.09
CA PHE A 102 18.24 -24.03 -18.69
C PHE A 102 17.60 -24.77 -19.85
N GLY A 103 18.24 -24.64 -21.02
CA GLY A 103 17.86 -25.34 -22.25
C GLY A 103 16.53 -25.06 -22.91
N TYR A 104 16.21 -23.77 -23.14
CA TYR A 104 15.04 -23.31 -23.86
C TYR A 104 15.22 -21.85 -24.21
N GLY A 105 14.50 -21.40 -25.24
CA GLY A 105 14.59 -20.04 -25.73
C GLY A 105 13.24 -19.40 -25.91
N ALA A 106 13.25 -18.17 -26.44
CA ALA A 106 12.06 -17.37 -26.69
C ALA A 106 10.92 -18.12 -27.45
N LYS A 107 11.28 -18.95 -28.45
CA LYS A 107 10.35 -19.73 -29.26
C LYS A 107 9.56 -20.71 -28.38
N ASP A 108 10.30 -21.48 -27.57
CA ASP A 108 9.74 -22.48 -26.66
C ASP A 108 8.72 -21.84 -25.69
N VAL A 109 9.10 -20.66 -25.09
CA VAL A 109 8.30 -19.86 -24.14
C VAL A 109 7.01 -19.43 -24.81
N ARG A 110 7.14 -18.74 -25.96
CA ARG A 110 6.00 -18.27 -26.74
C ARG A 110 5.09 -19.45 -27.10
N ASN A 111 5.69 -20.58 -27.53
CA ASN A 111 4.94 -21.77 -27.94
C ASN A 111 4.34 -22.55 -26.77
N LEU A 112 4.64 -22.14 -25.54
CA LEU A 112 4.18 -22.81 -24.30
C LEU A 112 4.67 -24.24 -24.25
N SER A 113 5.96 -24.43 -24.60
CA SER A 113 6.66 -25.71 -24.57
C SER A 113 6.60 -26.25 -23.16
N SER A 114 6.31 -27.54 -23.02
CA SER A 114 6.24 -28.20 -21.71
C SER A 114 7.51 -27.95 -20.87
N LYS A 115 8.70 -27.96 -21.51
CA LYS A 115 9.96 -27.72 -20.82
C LYS A 115 9.99 -26.32 -20.23
N ALA A 116 9.87 -25.27 -21.10
CA ALA A 116 9.86 -23.85 -20.75
C ALA A 116 8.85 -23.59 -19.62
N VAL A 117 7.58 -24.00 -19.84
CA VAL A 117 6.50 -23.85 -18.87
C VAL A 117 6.88 -24.45 -17.49
N ASN A 118 7.35 -25.70 -17.45
CA ASN A 118 7.75 -26.38 -16.22
C ASN A 118 8.84 -25.65 -15.48
N HIS A 119 9.85 -25.13 -16.23
CA HIS A 119 10.94 -24.38 -15.58
C HIS A 119 10.44 -23.07 -14.98
N ILE A 120 9.66 -22.28 -15.77
CA ILE A 120 9.01 -21.05 -15.34
C ILE A 120 8.26 -21.29 -14.01
N ARG A 121 7.42 -22.35 -13.95
CA ARG A 121 6.67 -22.75 -12.77
C ARG A 121 7.61 -22.99 -11.56
N SER A 122 8.74 -23.67 -11.82
CA SER A 122 9.70 -23.97 -10.75
C SER A 122 10.36 -22.68 -10.24
N VAL A 123 10.73 -21.77 -11.20
CA VAL A 123 11.32 -20.45 -10.94
C VAL A 123 10.38 -19.65 -10.02
N TRP A 124 9.05 -19.67 -10.35
CA TRP A 124 8.01 -18.99 -9.61
C TRP A 124 7.94 -19.53 -8.20
N LYS A 125 7.81 -20.89 -8.08
CA LYS A 125 7.74 -21.62 -6.80
C LYS A 125 8.94 -21.26 -5.93
N ASP A 126 10.13 -21.08 -6.57
CA ASP A 126 11.35 -20.74 -5.86
C ASP A 126 11.31 -19.28 -5.31
N LEU A 127 10.64 -18.36 -6.03
CA LEU A 127 10.49 -17.00 -5.54
C LEU A 127 9.52 -17.03 -4.37
N LEU A 128 8.51 -17.91 -4.43
CA LEU A 128 7.56 -18.00 -3.34
C LEU A 128 8.16 -18.64 -2.09
N GLU A 129 9.21 -19.45 -2.25
CA GLU A 129 9.79 -20.18 -1.13
C GLU A 129 11.11 -19.62 -0.63
N ASP A 130 11.96 -19.14 -1.53
CA ASP A 130 13.24 -18.57 -1.15
C ASP A 130 13.06 -17.06 -1.17
N THR A 131 13.36 -16.41 -0.04
CA THR A 131 13.21 -14.98 0.17
C THR A 131 14.58 -14.24 0.22
N GLU A 132 15.72 -14.99 0.28
CA GLU A 132 17.01 -14.35 0.46
C GLU A 132 18.09 -14.58 -0.61
N THR A 133 18.14 -15.78 -1.25
CA THR A 133 19.24 -16.09 -2.18
C THR A 133 19.36 -15.18 -3.40
N PRO A 134 20.50 -14.47 -3.56
CA PRO A 134 20.66 -13.65 -4.78
C PRO A 134 20.51 -14.47 -6.06
N ILE A 135 19.76 -13.90 -7.00
CA ILE A 135 19.50 -14.48 -8.32
C ILE A 135 20.63 -14.04 -9.23
N ASP A 136 21.11 -14.94 -10.06
CA ASP A 136 22.19 -14.60 -10.97
C ASP A 136 21.68 -13.73 -12.13
N THR A 137 22.56 -12.82 -12.58
CA THR A 137 22.38 -11.92 -13.71
C THR A 137 23.57 -12.03 -14.65
N THR A 138 23.36 -11.65 -15.91
CA THR A 138 24.36 -11.64 -16.97
C THR A 138 24.66 -10.20 -17.26
N ILE A 139 25.95 -9.86 -17.30
CA ILE A 139 26.44 -8.54 -17.70
C ILE A 139 26.96 -8.62 -19.15
N MET A 140 26.62 -7.63 -19.96
CA MET A 140 26.99 -7.56 -21.37
C MET A 140 27.13 -6.11 -21.82
N ALA A 141 27.94 -5.87 -22.85
CA ALA A 141 28.12 -4.53 -23.38
C ALA A 141 27.17 -4.39 -24.55
N LYS A 142 26.30 -3.37 -24.51
CA LYS A 142 25.35 -3.14 -25.58
C LYS A 142 26.12 -2.52 -26.74
N ASN A 143 25.96 -3.12 -27.92
CA ASN A 143 26.58 -2.75 -29.19
C ASN A 143 25.72 -1.75 -29.97
N GLU A 144 25.48 -0.59 -29.35
CA GLU A 144 24.68 0.48 -29.94
C GLU A 144 25.51 1.19 -31.02
N VAL A 145 24.86 1.53 -32.15
CA VAL A 145 25.54 2.21 -33.27
C VAL A 145 25.46 3.75 -33.10
N PHE A 146 26.63 4.41 -33.13
CA PHE A 146 26.77 5.86 -32.98
C PHE A 146 27.61 6.42 -34.12
N CYS A 147 27.52 7.75 -34.36
CA CYS A 147 28.24 8.37 -35.46
C CYS A 147 29.71 8.66 -35.17
N VAL A 148 30.54 8.54 -36.24
CA VAL A 148 31.99 8.79 -36.25
C VAL A 148 32.26 10.31 -36.05
N GLN A 149 32.38 10.75 -34.77
CA GLN A 149 32.62 12.14 -34.40
C GLN A 149 34.08 12.36 -33.88
N PRO A 150 35.01 12.85 -34.73
CA PRO A 150 36.40 13.05 -34.26
C PRO A 150 36.65 14.38 -33.52
N GLU A 151 35.73 15.35 -33.71
CA GLU A 151 35.76 16.69 -33.15
C GLU A 151 35.60 16.72 -31.60
N LYS A 152 34.34 16.77 -31.09
CA LYS A 152 33.97 16.84 -29.68
C LYS A 152 34.44 15.62 -28.85
N GLY A 153 34.73 15.90 -27.56
CA GLY A 153 35.16 14.97 -26.52
C GLY A 153 35.81 13.65 -26.90
N GLY A 154 35.05 12.56 -26.71
CA GLY A 154 35.51 11.20 -27.00
C GLY A 154 34.44 10.19 -27.39
N ARG A 155 34.91 9.11 -28.09
CA ARG A 155 34.11 7.97 -28.56
C ARG A 155 33.57 7.17 -27.37
N LYS A 156 32.32 7.52 -26.96
CA LYS A 156 31.53 7.03 -25.84
C LYS A 156 31.75 5.54 -25.45
N PRO A 157 32.24 5.25 -24.21
CA PRO A 157 32.39 3.84 -23.79
C PRO A 157 31.01 3.16 -23.71
N ALA A 158 30.92 1.92 -24.25
CA ALA A 158 29.71 1.08 -24.37
C ALA A 158 28.85 1.00 -23.12
N ARG A 159 27.51 1.14 -23.29
CA ARG A 159 26.55 1.03 -22.18
C ARG A 159 26.44 -0.45 -21.76
N LEU A 160 26.20 -0.67 -20.47
CA LEU A 160 26.13 -1.99 -19.86
C LEU A 160 24.71 -2.51 -19.76
N ILE A 161 24.53 -3.82 -19.90
CA ILE A 161 23.19 -4.41 -19.83
C ILE A 161 23.20 -5.62 -18.88
N VAL A 162 22.38 -5.53 -17.81
CA VAL A 162 22.34 -6.55 -16.77
C VAL A 162 20.97 -7.19 -16.73
N PHE A 163 20.92 -8.53 -16.80
CA PHE A 163 19.63 -9.22 -16.88
C PHE A 163 19.60 -10.65 -16.30
N PRO A 164 18.47 -11.01 -15.67
CA PRO A 164 18.33 -12.39 -15.17
C PRO A 164 17.99 -13.35 -16.31
N ASP A 165 17.90 -14.64 -15.99
CA ASP A 165 17.51 -15.66 -16.94
C ASP A 165 16.06 -15.49 -17.41
N LEU A 166 15.78 -15.97 -18.64
CA LEU A 166 14.47 -15.92 -19.29
C LEU A 166 13.31 -16.41 -18.39
N GLY A 167 13.52 -17.46 -17.63
CA GLY A 167 12.47 -17.95 -16.73
C GLY A 167 12.13 -16.97 -15.62
N VAL A 168 13.13 -16.19 -15.15
CA VAL A 168 12.96 -15.18 -14.11
C VAL A 168 12.22 -14.03 -14.78
N ARG A 169 12.67 -13.66 -16.00
CA ARG A 169 12.08 -12.61 -16.83
C ARG A 169 10.58 -12.83 -17.06
N VAL A 170 10.17 -14.10 -17.21
CA VAL A 170 8.77 -14.48 -17.35
C VAL A 170 8.05 -14.26 -15.99
N CYS A 171 8.63 -14.74 -14.89
CA CYS A 171 8.06 -14.58 -13.55
C CYS A 171 7.88 -13.11 -13.14
N GLU A 172 8.83 -12.25 -13.59
CA GLU A 172 8.80 -10.79 -13.36
C GLU A 172 7.51 -10.25 -13.93
N LYS A 173 7.13 -10.70 -15.14
CA LYS A 173 5.92 -10.29 -15.84
C LYS A 173 4.66 -10.73 -15.13
N MET A 174 4.64 -11.97 -14.62
CA MET A 174 3.49 -12.53 -13.90
C MET A 174 3.13 -11.66 -12.73
N ALA A 175 4.13 -11.34 -11.91
CA ALA A 175 3.99 -10.56 -10.70
C ALA A 175 3.88 -9.03 -10.88
N LEU A 176 4.68 -8.44 -11.79
CA LEU A 176 4.77 -6.99 -11.89
C LEU A 176 4.33 -6.30 -13.19
N TYR A 177 4.01 -7.04 -14.27
CA TYR A 177 3.62 -6.35 -15.51
C TYR A 177 2.38 -5.42 -15.32
N ASP A 178 1.36 -5.89 -14.57
CA ASP A 178 0.19 -5.07 -14.38
C ASP A 178 0.51 -3.83 -13.51
N VAL A 179 1.42 -4.02 -12.54
CA VAL A 179 1.88 -2.95 -11.68
C VAL A 179 2.61 -1.92 -12.53
N VAL A 180 3.63 -2.33 -13.29
CA VAL A 180 4.43 -1.38 -14.11
C VAL A 180 3.62 -0.68 -15.20
N SER A 181 2.45 -1.23 -15.55
CA SER A 181 1.58 -0.66 -16.58
C SER A 181 0.61 0.35 -16.00
N THR A 182 0.07 0.05 -14.82
CA THR A 182 -0.95 0.86 -14.15
C THR A 182 -0.41 1.91 -13.15
N LEU A 183 0.42 1.48 -12.22
CA LEU A 183 0.88 2.28 -11.10
C LEU A 183 1.60 3.61 -11.46
N PRO A 184 2.59 3.66 -12.39
CA PRO A 184 3.25 4.96 -12.65
C PRO A 184 2.31 6.11 -12.99
N GLN A 185 1.25 5.88 -13.81
CA GLN A 185 0.28 6.95 -14.11
C GLN A 185 -0.55 7.32 -12.87
N ALA A 186 -0.94 6.33 -12.06
CA ALA A 186 -1.72 6.56 -10.85
C ALA A 186 -0.97 7.48 -9.88
N VAL A 187 0.34 7.22 -9.74
CA VAL A 187 1.18 7.96 -8.84
C VAL A 187 1.56 9.34 -9.38
N MET A 188 2.01 9.40 -10.64
CA MET A 188 2.57 10.61 -11.19
C MET A 188 1.62 11.46 -12.00
N GLY A 189 0.50 10.90 -12.42
CA GLY A 189 -0.50 11.63 -13.17
C GLY A 189 0.04 12.07 -14.49
N SER A 190 -0.18 13.35 -14.84
CA SER A 190 0.22 13.92 -16.12
C SER A 190 1.74 14.06 -16.23
N SER A 191 2.45 13.98 -15.08
CA SER A 191 3.91 14.05 -15.05
C SER A 191 4.58 12.82 -15.67
N TYR A 192 3.81 11.72 -15.78
CA TYR A 192 4.29 10.45 -16.34
C TYR A 192 4.50 10.51 -17.87
N GLY A 193 5.77 10.44 -18.28
CA GLY A 193 6.19 10.60 -19.66
C GLY A 193 5.72 9.58 -20.68
N PHE A 194 5.77 8.31 -20.31
CA PHE A 194 5.42 7.22 -21.20
C PHE A 194 3.93 7.00 -21.41
N GLN A 195 3.10 7.81 -20.79
CA GLN A 195 1.67 7.67 -21.02
C GLN A 195 1.29 8.35 -22.35
N TYR A 196 2.21 9.16 -22.91
CA TYR A 196 1.95 9.99 -24.06
C TYR A 196 2.45 9.52 -25.38
N SER A 197 1.60 9.72 -26.40
CA SER A 197 1.94 9.58 -27.80
C SER A 197 2.82 10.82 -28.06
N PRO A 198 3.59 10.88 -29.16
CA PRO A 198 4.45 12.06 -29.41
C PRO A 198 3.68 13.39 -29.44
N GLY A 199 2.49 13.38 -30.07
CA GLY A 199 1.60 14.52 -30.16
C GLY A 199 1.11 14.98 -28.81
N GLN A 200 0.62 14.03 -27.96
CA GLN A 200 0.11 14.27 -26.63
C GLN A 200 1.18 14.93 -25.75
N ARG A 201 2.40 14.43 -25.80
CA ARG A 201 3.54 14.92 -25.05
C ARG A 201 3.83 16.37 -25.41
N VAL A 202 3.75 16.67 -26.70
CA VAL A 202 3.97 18.00 -27.24
C VAL A 202 2.89 18.93 -26.72
N GLU A 203 1.62 18.49 -26.81
CA GLU A 203 0.46 19.23 -26.33
C GLU A 203 0.60 19.52 -24.79
N PHE A 204 1.07 18.52 -24.01
CA PHE A 204 1.28 18.65 -22.59
C PHE A 204 2.25 19.79 -22.31
N LEU A 205 3.43 19.75 -22.95
CA LEU A 205 4.48 20.75 -22.76
C LEU A 205 4.06 22.13 -23.17
N VAL A 206 3.34 22.24 -24.31
CA VAL A 206 2.94 23.55 -24.81
C VAL A 206 1.98 24.19 -23.81
N ASN A 207 0.93 23.43 -23.41
CA ASN A 207 -0.09 23.87 -22.46
C ASN A 207 0.51 24.25 -21.13
N ALA A 208 1.50 23.50 -20.65
CA ALA A 208 2.17 23.81 -19.39
C ALA A 208 2.93 25.14 -19.48
N TRP A 209 3.69 25.33 -20.58
CA TRP A 209 4.47 26.53 -20.88
C TRP A 209 3.55 27.74 -21.00
N LYS A 210 2.40 27.56 -21.65
CA LYS A 210 1.39 28.58 -21.85
C LYS A 210 0.72 28.93 -20.53
N ALA A 211 0.46 27.90 -19.69
CA ALA A 211 -0.14 28.02 -18.37
C ALA A 211 0.63 28.95 -17.39
N LYS A 212 1.95 29.14 -17.58
CA LYS A 212 2.73 30.01 -16.70
C LYS A 212 2.64 31.46 -17.21
N LYS A 213 2.56 32.43 -16.27
CA LYS A 213 2.51 33.88 -16.60
C LYS A 213 3.82 34.23 -17.33
N CYS A 214 4.96 33.97 -16.66
CA CYS A 214 6.29 34.14 -17.20
C CYS A 214 7.05 32.81 -17.04
N PRO A 215 6.99 31.94 -18.07
CA PRO A 215 7.60 30.61 -17.96
C PRO A 215 9.12 30.51 -18.06
N MET A 216 9.65 29.55 -17.30
CA MET A 216 11.03 29.13 -17.30
C MET A 216 11.07 27.59 -17.22
N GLY A 217 12.00 26.99 -17.94
CA GLY A 217 12.14 25.56 -17.95
C GLY A 217 13.57 25.08 -18.02
N PHE A 218 13.81 23.85 -17.59
CA PHE A 218 15.13 23.25 -17.67
C PHE A 218 15.02 21.75 -17.73
N ALA A 219 16.09 21.11 -18.24
CA ALA A 219 16.22 19.66 -18.32
C ALA A 219 17.30 19.27 -17.31
N TYR A 220 17.03 18.28 -16.47
CA TYR A 220 18.03 17.83 -15.49
C TYR A 220 18.54 16.47 -15.90
N ASP A 221 19.88 16.38 -16.14
CA ASP A 221 20.53 15.13 -16.52
C ASP A 221 21.37 14.60 -15.36
N THR A 222 21.13 13.33 -15.00
CA THR A 222 21.86 12.66 -13.93
C THR A 222 23.06 11.90 -14.51
N ARG A 223 24.19 11.96 -13.78
CA ARG A 223 25.41 11.25 -14.13
C ARG A 223 25.20 9.80 -13.67
N CYS A 224 25.16 8.83 -14.64
CA CYS A 224 24.97 7.37 -14.45
C CYS A 224 23.84 7.08 -13.49
N PHE A 225 22.62 7.55 -13.82
CA PHE A 225 21.44 7.38 -12.95
C PHE A 225 21.35 5.98 -12.33
N ASP A 226 21.40 4.90 -13.14
CA ASP A 226 21.28 3.53 -12.65
C ASP A 226 22.24 3.24 -11.51
N SER A 227 23.45 3.82 -11.55
CA SER A 227 24.45 3.62 -10.50
C SER A 227 24.18 4.44 -9.22
N THR A 228 23.62 5.64 -9.37
CA THR A 228 23.24 6.51 -8.25
C THR A 228 22.08 5.92 -7.42
N VAL A 229 21.37 4.92 -8.01
CA VAL A 229 20.21 4.25 -7.41
C VAL A 229 20.71 3.34 -6.31
N THR A 230 20.32 3.64 -5.10
CA THR A 230 20.76 2.92 -3.92
C THR A 230 19.83 1.74 -3.61
N GLU A 231 20.22 0.87 -2.66
CA GLU A 231 19.39 -0.26 -2.24
C GLU A 231 18.15 0.24 -1.49
N ASN A 232 18.27 1.40 -0.85
CA ASN A 232 17.18 1.99 -0.12
C ASN A 232 16.20 2.52 -1.13
N ASP A 233 16.73 3.19 -2.19
CA ASP A 233 15.94 3.69 -3.32
C ASP A 233 15.04 2.55 -3.82
N ILE A 234 15.65 1.35 -4.01
CA ILE A 234 14.97 0.15 -4.48
C ILE A 234 13.93 -0.34 -3.42
N ARG A 235 14.26 -0.29 -2.12
CA ARG A 235 13.32 -0.67 -1.06
C ARG A 235 12.06 0.29 -1.01
N VAL A 236 12.29 1.61 -1.22
CA VAL A 236 11.24 2.64 -1.27
C VAL A 236 10.30 2.35 -2.46
N GLU A 237 10.85 2.00 -3.61
CA GLU A 237 10.13 1.64 -4.83
C GLU A 237 9.20 0.45 -4.54
N GLU A 238 9.73 -0.62 -3.85
CA GLU A 238 8.90 -1.77 -3.46
C GLU A 238 7.81 -1.29 -2.51
N SER A 239 8.16 -0.37 -1.59
CA SER A 239 7.19 0.14 -0.64
C SER A 239 5.98 0.79 -1.35
N ILE A 240 6.21 1.33 -2.57
CA ILE A 240 5.18 1.92 -3.40
C ILE A 240 4.33 0.79 -4.06
N TYR A 241 5.02 -0.22 -4.67
CA TYR A 241 4.34 -1.37 -5.30
C TYR A 241 3.44 -2.10 -4.28
N GLN A 242 3.89 -2.14 -2.99
CA GLN A 242 3.20 -2.80 -1.89
C GLN A 242 1.90 -2.08 -1.46
N CYS A 243 1.65 -0.87 -2.01
CA CYS A 243 0.39 -0.15 -1.76
C CYS A 243 -0.73 -0.67 -2.68
N CYS A 244 -0.39 -1.44 -3.73
CA CYS A 244 -1.40 -1.99 -4.65
C CYS A 244 -2.23 -3.07 -3.99
N ASP A 245 -3.34 -3.41 -4.64
CA ASP A 245 -4.12 -4.56 -4.21
C ASP A 245 -3.44 -5.67 -5.01
N LEU A 246 -2.72 -6.55 -4.32
CA LEU A 246 -1.99 -7.64 -4.95
C LEU A 246 -2.42 -8.98 -4.39
N ALA A 247 -2.32 -10.03 -5.24
CA ALA A 247 -2.59 -11.40 -4.81
C ALA A 247 -1.42 -11.80 -3.89
N PRO A 248 -1.66 -12.61 -2.84
CA PRO A 248 -0.57 -12.95 -1.92
C PRO A 248 0.72 -13.45 -2.60
N GLU A 249 0.59 -14.23 -3.70
CA GLU A 249 1.69 -14.77 -4.51
C GLU A 249 2.41 -13.62 -5.22
N ALA A 250 1.63 -12.63 -5.76
CA ALA A 250 2.20 -11.43 -6.39
C ALA A 250 2.99 -10.65 -5.32
N ARG A 251 2.38 -10.48 -4.14
CA ARG A 251 2.97 -9.78 -3.01
C ARG A 251 4.31 -10.39 -2.62
N GLN A 252 4.37 -11.74 -2.52
CA GLN A 252 5.59 -12.48 -2.16
C GLN A 252 6.61 -12.37 -3.24
N ALA A 253 6.18 -12.59 -4.50
CA ALA A 253 7.09 -12.51 -5.63
C ALA A 253 7.80 -11.17 -5.62
N ILE A 254 7.04 -10.06 -5.48
CA ILE A 254 7.62 -8.73 -5.41
C ILE A 254 8.64 -8.63 -4.27
N ARG A 255 8.29 -9.13 -3.08
CA ARG A 255 9.18 -9.11 -1.91
C ARG A 255 10.52 -9.84 -2.19
N SER A 256 10.41 -11.08 -2.70
CA SER A 256 11.53 -11.94 -3.07
C SER A 256 12.37 -11.36 -4.22
N LEU A 257 11.74 -10.87 -5.30
CA LEU A 257 12.39 -10.21 -6.43
C LEU A 257 13.14 -8.94 -6.02
N THR A 258 12.60 -8.17 -5.07
CA THR A 258 13.26 -6.97 -4.58
C THR A 258 14.53 -7.36 -3.86
N GLU A 259 14.43 -8.34 -2.95
CA GLU A 259 15.55 -8.80 -2.14
C GLU A 259 16.60 -9.56 -2.90
N ARG A 260 16.20 -10.46 -3.79
CA ARG A 260 17.09 -11.37 -4.50
C ARG A 260 17.57 -10.86 -5.88
N LEU A 261 16.82 -9.92 -6.51
CA LEU A 261 17.19 -9.43 -7.83
C LEU A 261 17.42 -7.88 -7.92
N TYR A 262 16.43 -7.09 -7.49
CA TYR A 262 16.42 -5.65 -7.67
C TYR A 262 17.44 -4.87 -6.84
N ILE A 263 17.72 -5.29 -5.59
CA ILE A 263 18.70 -4.55 -4.75
C ILE A 263 20.13 -4.80 -5.18
N GLY A 264 20.37 -5.93 -5.84
CA GLY A 264 21.69 -6.29 -6.33
C GLY A 264 21.84 -7.76 -6.58
N GLY A 265 23.08 -8.24 -6.61
CA GLY A 265 23.43 -9.64 -6.83
C GLY A 265 24.67 -9.84 -7.69
N PRO A 266 25.05 -11.13 -7.89
CA PRO A 266 26.26 -11.42 -8.67
C PRO A 266 26.10 -11.21 -10.16
N LEU A 267 27.20 -10.79 -10.80
CA LEU A 267 27.33 -10.54 -12.23
C LEU A 267 28.12 -11.66 -12.90
N THR A 268 27.61 -12.13 -14.04
CA THR A 268 28.20 -13.21 -14.80
C THR A 268 28.37 -12.77 -16.25
N ASN A 269 29.55 -12.98 -16.84
CA ASN A 269 29.76 -12.63 -18.25
C ASN A 269 29.13 -13.70 -19.16
N SER A 270 29.03 -13.38 -20.48
CA SER A 270 28.49 -14.25 -21.54
C SER A 270 29.14 -15.65 -21.55
N LYS A 271 30.44 -15.73 -21.16
CA LYS A 271 31.24 -16.95 -21.05
C LYS A 271 31.10 -17.67 -19.68
N GLY A 272 29.97 -17.49 -18.98
CA GLY A 272 29.68 -18.12 -17.68
C GLY A 272 30.57 -17.79 -16.50
N GLN A 273 31.55 -16.88 -16.69
CA GLN A 273 32.51 -16.47 -15.65
C GLN A 273 31.95 -15.39 -14.73
N ASN A 274 32.28 -15.48 -13.44
CA ASN A 274 31.89 -14.51 -12.44
C ASN A 274 32.67 -13.17 -12.61
N CYS A 275 31.95 -12.07 -12.94
CA CYS A 275 32.45 -10.71 -13.17
C CYS A 275 32.58 -9.87 -11.92
N GLY A 276 31.66 -10.06 -10.98
CA GLY A 276 31.60 -9.25 -9.77
C GLY A 276 30.22 -9.19 -9.14
N TYR A 277 29.88 -8.01 -8.58
CA TYR A 277 28.61 -7.82 -7.87
C TYR A 277 28.00 -6.44 -8.12
N ARG A 278 26.65 -6.35 -8.08
CA ARG A 278 25.92 -5.10 -8.27
C ARG A 278 25.11 -4.74 -7.00
N ARG A 279 25.06 -3.44 -6.66
CA ARG A 279 24.28 -2.90 -5.53
C ARG A 279 23.45 -1.67 -5.95
N CYS A 280 23.25 -1.57 -7.26
CA CYS A 280 22.49 -0.48 -7.88
C CYS A 280 21.43 -1.07 -8.83
N ARG A 281 20.77 -0.19 -9.59
CA ARG A 281 19.75 -0.57 -10.57
C ARG A 281 20.28 -1.48 -11.68
N ALA A 282 19.55 -2.58 -11.98
CA ALA A 282 19.84 -3.49 -13.12
C ALA A 282 19.11 -2.87 -14.34
N SER A 283 19.83 -2.64 -15.43
CA SER A 283 19.30 -2.02 -16.63
C SER A 283 18.29 -2.89 -17.40
N GLY A 284 18.39 -4.22 -17.29
CA GLY A 284 17.52 -5.13 -18.02
C GLY A 284 16.59 -5.97 -17.18
N VAL A 285 15.76 -5.29 -16.38
CA VAL A 285 14.69 -5.90 -15.56
C VAL A 285 13.39 -5.17 -15.86
N LEU A 286 12.27 -5.82 -15.57
CA LEU A 286 10.96 -5.24 -15.86
C LEU A 286 10.72 -3.92 -15.13
N THR A 287 11.22 -3.79 -13.90
CA THR A 287 11.06 -2.61 -13.06
C THR A 287 12.04 -1.44 -13.40
N THR A 288 12.99 -1.61 -14.32
CA THR A 288 13.93 -0.53 -14.67
C THR A 288 13.26 0.81 -15.04
N SER A 289 12.41 0.86 -16.07
CA SER A 289 11.75 2.11 -16.45
C SER A 289 10.93 2.69 -15.30
N CYS A 290 9.91 1.94 -14.85
CA CYS A 290 8.99 2.25 -13.77
C CYS A 290 9.69 2.76 -12.55
N GLY A 291 10.59 1.92 -12.03
CA GLY A 291 11.42 2.18 -10.87
C GLY A 291 12.26 3.42 -11.03
N ASN A 292 12.92 3.57 -12.20
CA ASN A 292 13.70 4.76 -12.45
C ASN A 292 12.83 6.01 -12.51
N THR A 293 11.67 5.92 -13.15
CA THR A 293 10.71 7.03 -13.28
C THR A 293 10.21 7.45 -11.92
N LEU A 294 9.78 6.48 -11.11
CA LEU A 294 9.31 6.72 -9.76
C LEU A 294 10.39 7.41 -8.92
N THR A 295 11.62 6.84 -8.90
CA THR A 295 12.77 7.34 -8.16
C THR A 295 13.13 8.76 -8.54
N CYS A 296 13.24 9.03 -9.84
CA CYS A 296 13.61 10.33 -10.38
C CYS A 296 12.54 11.35 -9.97
N TYR A 297 11.28 10.99 -10.19
CA TYR A 297 10.14 11.84 -9.85
C TYR A 297 10.15 12.15 -8.38
N LEU A 298 10.30 11.14 -7.50
CA LEU A 298 10.33 11.31 -6.06
C LEU A 298 11.37 12.36 -5.67
N LYS A 299 12.64 12.13 -6.07
CA LYS A 299 13.77 12.99 -5.78
C LYS A 299 13.56 14.41 -6.29
N ALA A 300 13.15 14.55 -7.56
CA ALA A 300 12.88 15.84 -8.22
C ALA A 300 11.75 16.61 -7.57
N ALA A 301 10.64 15.94 -7.24
CA ALA A 301 9.51 16.59 -6.60
C ALA A 301 9.94 17.19 -5.26
N ALA A 302 10.79 16.43 -4.52
CA ALA A 302 11.35 16.80 -3.23
C ALA A 302 12.33 17.95 -3.39
N ALA A 303 13.23 17.87 -4.40
CA ALA A 303 14.21 18.92 -4.70
C ALA A 303 13.53 20.24 -5.11
N CYS A 304 12.40 20.17 -5.82
CA CYS A 304 11.61 21.36 -6.23
C CYS A 304 11.24 22.16 -4.99
N ARG A 305 10.84 21.44 -3.93
CA ARG A 305 10.40 21.99 -2.66
C ARG A 305 11.56 22.60 -1.88
N ALA A 306 12.71 21.93 -1.94
CA ALA A 306 13.93 22.36 -1.28
C ALA A 306 14.45 23.69 -1.90
N ALA A 307 14.28 23.85 -3.23
CA ALA A 307 14.71 25.02 -4.01
C ALA A 307 13.65 26.09 -4.11
N LYS A 308 12.48 25.84 -3.51
CA LYS A 308 11.32 26.74 -3.52
C LYS A 308 10.96 27.25 -4.93
N LEU A 309 10.88 26.32 -5.91
CA LEU A 309 10.50 26.57 -7.30
C LEU A 309 9.00 26.80 -7.31
N GLN A 310 8.53 27.82 -8.02
CA GLN A 310 7.10 28.13 -8.00
C GLN A 310 6.33 27.59 -9.21
N ASP A 311 5.14 27.03 -8.93
CA ASP A 311 4.19 26.41 -9.85
C ASP A 311 4.88 25.42 -10.86
N CYS A 312 5.58 24.42 -10.31
CA CYS A 312 6.27 23.37 -11.06
C CYS A 312 5.37 22.45 -11.80
N THR A 313 5.85 22.05 -12.97
CA THR A 313 5.29 21.07 -13.84
C THR A 313 6.49 20.21 -14.15
N MET A 314 6.34 18.91 -13.98
CA MET A 314 7.44 18.01 -14.28
C MET A 314 7.01 17.08 -15.39
N LEU A 315 7.97 16.50 -16.10
CA LEU A 315 7.73 15.49 -17.09
C LEU A 315 8.89 14.53 -16.94
N VAL A 316 8.56 13.28 -16.56
CA VAL A 316 9.61 12.29 -16.27
C VAL A 316 9.50 11.08 -17.18
N CYS A 317 10.63 10.74 -17.84
CA CYS A 317 10.80 9.55 -18.70
C CYS A 317 12.03 8.85 -18.21
N GLY A 318 11.85 7.90 -17.30
CA GLY A 318 12.97 7.21 -16.66
C GLY A 318 13.85 8.19 -15.93
N ASP A 319 15.11 8.25 -16.31
CA ASP A 319 16.10 9.15 -15.72
C ASP A 319 15.99 10.58 -16.27
N ASP A 320 15.35 10.77 -17.44
CA ASP A 320 15.16 12.06 -18.08
C ASP A 320 14.08 12.84 -17.40
N LEU A 321 14.43 14.11 -17.05
CA LEU A 321 13.54 15.02 -16.35
C LEU A 321 13.50 16.45 -16.96
N VAL A 322 12.30 17.02 -17.06
CA VAL A 322 12.10 18.39 -17.50
C VAL A 322 11.17 19.07 -16.51
N VAL A 323 11.55 20.27 -16.06
CA VAL A 323 10.76 21.08 -15.14
C VAL A 323 10.38 22.39 -15.82
N ILE A 324 9.08 22.72 -15.84
CA ILE A 324 8.55 23.96 -16.38
C ILE A 324 7.88 24.61 -15.18
N CYS A 325 8.44 25.73 -14.72
CA CYS A 325 7.94 26.46 -13.55
C CYS A 325 7.84 27.94 -13.85
N GLU A 326 7.37 28.71 -12.88
CA GLU A 326 7.23 30.17 -12.96
C GLU A 326 8.57 30.83 -12.64
N SER A 327 9.06 31.69 -13.56
CA SER A 327 10.32 32.41 -13.37
C SER A 327 10.16 33.45 -12.29
N ALA A 328 11.24 33.65 -11.55
CA ALA A 328 11.33 34.63 -10.48
C ALA A 328 12.51 35.59 -10.78
N GLY A 329 12.91 35.66 -12.05
CA GLY A 329 14.02 36.51 -12.50
C GLY A 329 15.29 35.72 -12.69
N THR A 330 16.00 35.99 -13.80
CA THR A 330 17.24 35.37 -14.27
C THR A 330 18.26 35.00 -13.17
N GLN A 331 18.52 35.92 -12.21
CA GLN A 331 19.47 35.68 -11.10
C GLN A 331 18.88 34.72 -10.07
N GLU A 332 17.59 34.91 -9.75
CA GLU A 332 16.85 34.04 -8.83
C GLU A 332 16.75 32.61 -9.39
N ASP A 333 16.36 32.49 -10.70
CA ASP A 333 16.22 31.23 -11.43
C ASP A 333 17.50 30.42 -11.44
N GLU A 334 18.62 31.08 -11.63
CA GLU A 334 19.93 30.43 -11.61
C GLU A 334 20.24 29.94 -10.20
N ALA A 335 19.84 30.72 -9.18
CA ALA A 335 20.07 30.42 -7.77
C ALA A 335 19.27 29.20 -7.33
N SER A 336 17.95 29.18 -7.64
CA SER A 336 17.04 28.08 -7.31
C SER A 336 17.47 26.80 -8.03
N LEU A 337 18.06 26.96 -9.21
CA LEU A 337 18.57 25.84 -9.97
C LEU A 337 19.74 25.19 -9.25
N ARG A 338 20.61 26.00 -8.60
CA ARG A 338 21.76 25.47 -7.84
C ARG A 338 21.22 24.76 -6.61
N ALA A 339 20.16 25.34 -5.99
CA ALA A 339 19.51 24.79 -4.82
C ALA A 339 18.97 23.36 -5.11
N PHE A 340 18.24 23.23 -6.26
CA PHE A 340 17.65 22.00 -6.80
C PHE A 340 18.75 20.94 -6.94
N THR A 341 19.86 21.34 -7.60
CA THR A 341 21.00 20.47 -7.86
C THR A 341 21.63 19.96 -6.56
N GLU A 342 21.74 20.84 -5.55
CA GLU A 342 22.30 20.48 -4.24
C GLU A 342 21.42 19.39 -3.56
N ALA A 343 20.08 19.58 -3.60
CA ALA A 343 19.11 18.62 -3.04
C ALA A 343 19.19 17.28 -3.80
N MET A 344 19.09 17.33 -5.14
CA MET A 344 19.20 16.14 -5.98
C MET A 344 20.48 15.36 -5.63
N THR A 345 21.58 16.10 -5.44
CA THR A 345 22.86 15.53 -5.08
C THR A 345 22.82 14.84 -3.71
N ARG A 346 22.20 15.49 -2.71
CA ARG A 346 22.04 14.87 -1.39
C ARG A 346 21.23 13.56 -1.43
N TYR A 347 20.22 13.52 -2.31
CA TYR A 347 19.37 12.36 -2.54
C TYR A 347 20.07 11.26 -3.35
N SER A 348 21.33 11.51 -3.78
CA SER A 348 22.18 10.62 -4.59
C SER A 348 21.71 10.60 -6.03
N ALA A 349 21.62 11.81 -6.62
CA ALA A 349 21.23 12.00 -8.02
C ALA A 349 21.99 13.26 -8.50
N PRO A 350 23.36 13.22 -8.54
CA PRO A 350 24.09 14.42 -8.96
C PRO A 350 23.98 14.62 -10.46
N PRO A 351 24.26 15.82 -11.01
CA PRO A 351 24.08 16.00 -12.46
C PRO A 351 25.31 15.69 -13.31
N GLY A 352 25.07 15.42 -14.60
CA GLY A 352 26.13 15.25 -15.58
C GLY A 352 26.64 16.65 -15.85
N ASP A 353 25.91 17.37 -16.73
CA ASP A 353 26.17 18.79 -17.00
C ASP A 353 25.18 19.54 -16.10
N PRO A 354 25.60 20.61 -15.38
CA PRO A 354 24.65 21.31 -14.49
C PRO A 354 23.53 21.97 -15.29
N PRO A 355 22.30 22.00 -14.73
CA PRO A 355 21.16 22.54 -15.52
C PRO A 355 21.21 24.03 -15.83
N LYS A 356 20.67 24.39 -17.00
CA LYS A 356 20.59 25.77 -17.50
C LYS A 356 19.15 26.21 -17.66
N PRO A 357 18.75 27.39 -17.18
CA PRO A 357 17.36 27.81 -17.34
C PRO A 357 17.13 28.33 -18.76
N GLU A 358 16.02 27.92 -19.37
CA GLU A 358 15.63 28.32 -20.72
C GLU A 358 14.35 29.15 -20.67
N TYR A 359 14.22 30.12 -21.59
CA TYR A 359 13.00 30.94 -21.56
C TYR A 359 12.20 30.82 -22.88
N ASP A 360 12.56 29.80 -23.69
CA ASP A 360 11.93 29.34 -24.95
C ASP A 360 11.76 27.84 -24.79
N LEU A 361 10.56 27.34 -25.07
CA LEU A 361 10.27 25.90 -24.99
C LEU A 361 11.05 25.11 -26.06
N GLU A 362 11.25 25.74 -27.26
CA GLU A 362 12.01 25.15 -28.36
C GLU A 362 13.44 24.88 -27.89
N LEU A 363 13.92 25.70 -26.93
CA LEU A 363 15.27 25.62 -26.42
C LEU A 363 15.52 24.53 -25.39
N ILE A 364 14.45 23.90 -24.85
CA ILE A 364 14.60 22.78 -23.90
C ILE A 364 14.74 21.47 -24.70
N THR A 365 15.84 20.73 -24.45
CA THR A 365 16.14 19.45 -25.09
C THR A 365 16.12 18.38 -24.05
N SER A 366 15.25 17.39 -24.25
CA SER A 366 15.12 16.22 -23.37
C SER A 366 14.72 15.02 -24.20
N CYS A 367 15.40 13.86 -23.94
CA CYS A 367 15.28 12.58 -24.68
C CYS A 367 15.75 12.84 -26.12
N SER A 368 16.73 13.76 -26.24
CA SER A 368 17.38 14.26 -27.46
C SER A 368 16.42 15.05 -28.33
N SER A 369 15.11 15.04 -27.99
CA SER A 369 14.09 15.77 -28.70
C SER A 369 13.98 17.24 -28.28
N ASN A 370 13.34 18.03 -29.14
CA ASN A 370 13.04 19.42 -28.88
C ASN A 370 11.77 19.78 -29.63
N VAL A 371 10.98 20.68 -29.05
CA VAL A 371 9.75 21.14 -29.65
C VAL A 371 10.08 22.06 -30.79
N SER A 372 9.38 21.84 -31.89
CA SER A 372 9.41 22.64 -33.10
C SER A 372 7.97 22.82 -33.53
N VAL A 373 7.75 23.78 -34.43
CA VAL A 373 6.43 24.07 -34.95
C VAL A 373 6.46 24.18 -36.46
N ALA A 374 5.42 23.67 -37.12
CA ALA A 374 5.26 23.83 -38.58
C ALA A 374 3.84 24.29 -38.80
N HIS A 375 3.40 24.30 -40.05
CA HIS A 375 2.02 24.63 -40.41
C HIS A 375 1.34 23.44 -41.07
N ASP A 376 0.02 23.35 -40.92
CA ASP A 376 -0.74 22.30 -41.59
C ASP A 376 -1.16 22.76 -43.01
N ALA A 377 -1.99 21.96 -43.71
CA ALA A 377 -2.43 22.30 -45.07
C ALA A 377 -3.28 23.59 -45.13
N SER A 378 -3.94 23.93 -43.99
CA SER A 378 -4.80 25.11 -43.91
C SER A 378 -4.12 26.34 -43.26
N GLY A 379 -2.84 26.24 -42.94
CA GLY A 379 -2.10 27.37 -42.39
C GLY A 379 -1.98 27.40 -40.87
N LYS A 380 -2.75 26.54 -40.18
CA LYS A 380 -2.72 26.43 -38.73
C LYS A 380 -1.33 25.95 -38.18
N ARG A 381 -0.89 26.57 -37.06
CA ARG A 381 0.33 26.16 -36.39
C ARG A 381 0.17 24.68 -35.91
N VAL A 382 1.28 23.95 -35.82
CA VAL A 382 1.26 22.57 -35.38
C VAL A 382 2.59 22.35 -34.67
N TYR A 383 2.52 22.03 -33.40
CA TYR A 383 3.72 21.68 -32.67
C TYR A 383 4.04 20.19 -32.94
N TYR A 384 5.34 19.82 -32.95
CA TYR A 384 5.78 18.45 -33.15
C TYR A 384 7.13 18.33 -32.51
N LEU A 385 7.59 17.11 -32.17
CA LEU A 385 8.93 16.86 -31.61
C LEU A 385 9.91 16.53 -32.73
N THR A 386 11.09 17.07 -32.61
CA THR A 386 12.17 16.79 -33.55
C THR A 386 13.45 16.51 -32.77
N ARG A 387 14.55 16.26 -33.48
CA ARG A 387 15.87 16.06 -32.91
C ARG A 387 16.93 16.25 -33.98
N ASP A 388 18.23 16.23 -33.58
CA ASP A 388 19.27 16.32 -34.60
C ASP A 388 19.27 14.94 -35.32
N PRO A 389 19.33 14.89 -36.68
CA PRO A 389 19.16 13.60 -37.37
C PRO A 389 20.40 12.71 -37.48
N THR A 390 21.56 13.22 -37.08
CA THR A 390 22.83 12.52 -37.21
C THR A 390 22.78 11.10 -36.71
N THR A 391 22.32 10.88 -35.46
CA THR A 391 22.30 9.51 -34.95
C THR A 391 21.20 8.67 -35.67
N PRO A 392 19.91 9.14 -35.83
CA PRO A 392 18.92 8.32 -36.54
C PRO A 392 19.35 7.92 -37.95
N LEU A 393 20.04 8.84 -38.67
CA LEU A 393 20.52 8.60 -40.03
C LEU A 393 21.67 7.61 -40.08
N ALA A 394 22.64 7.77 -39.19
CA ALA A 394 23.80 6.89 -39.16
C ALA A 394 23.37 5.46 -38.84
N ARG A 395 22.45 5.31 -37.85
CA ARG A 395 21.93 4.02 -37.45
C ARG A 395 21.17 3.38 -38.62
N ALA A 396 20.40 4.19 -39.37
CA ALA A 396 19.67 3.74 -40.56
C ALA A 396 20.66 3.20 -41.62
N ALA A 397 21.80 3.92 -41.81
CA ALA A 397 22.86 3.54 -42.75
C ALA A 397 23.44 2.21 -42.30
N TRP A 398 23.74 2.06 -41.02
CA TRP A 398 24.23 0.80 -40.47
C TRP A 398 23.24 -0.35 -40.75
N GLU A 399 21.95 -0.07 -40.58
CA GLU A 399 20.89 -1.04 -40.79
C GLU A 399 20.70 -1.44 -42.26
N THR A 400 20.81 -0.50 -43.24
CA THR A 400 20.70 -0.87 -44.66
C THR A 400 21.86 -1.80 -45.02
N ALA A 401 23.05 -1.55 -44.44
CA ALA A 401 24.27 -2.32 -44.66
C ALA A 401 24.23 -3.75 -44.12
N ARG A 402 23.94 -3.91 -42.82
CA ARG A 402 23.94 -5.21 -42.13
C ARG A 402 22.54 -5.53 -41.60
N HIS A 403 21.99 -6.73 -41.91
CA HIS A 403 20.66 -7.12 -41.43
C HIS A 403 20.55 -7.20 -39.91
N THR A 404 20.12 -6.07 -39.29
CA THR A 404 19.92 -5.99 -37.83
C THR A 404 18.57 -6.63 -37.46
N PRO A 405 18.47 -7.28 -36.28
CA PRO A 405 17.18 -7.88 -35.90
C PRO A 405 16.13 -6.81 -35.64
N VAL A 406 16.44 -5.87 -34.75
CA VAL A 406 15.56 -4.76 -34.39
C VAL A 406 16.06 -3.49 -35.14
N ASN A 407 15.12 -2.82 -35.87
CA ASN A 407 15.25 -1.69 -36.83
C ASN A 407 14.91 -0.28 -36.29
N SER A 408 15.95 0.57 -35.99
CA SER A 408 15.75 1.94 -35.47
C SER A 408 15.05 2.84 -36.49
N TRP A 409 15.28 2.60 -37.79
CA TRP A 409 14.70 3.39 -38.84
C TRP A 409 13.18 3.44 -38.77
N LEU A 410 12.54 2.30 -38.47
CA LEU A 410 11.10 2.24 -38.44
C LEU A 410 10.53 2.90 -37.19
N GLY A 411 11.27 2.84 -36.08
CA GLY A 411 10.88 3.46 -34.82
C GLY A 411 10.91 4.96 -34.95
N ASN A 412 12.02 5.49 -35.55
CA ASN A 412 12.22 6.91 -35.84
C ASN A 412 11.20 7.42 -36.83
N ILE A 413 10.78 6.56 -37.79
CA ILE A 413 9.75 6.96 -38.75
C ILE A 413 8.49 7.20 -37.94
N ILE A 414 8.15 6.24 -37.06
CA ILE A 414 6.95 6.32 -36.25
C ILE A 414 6.99 7.52 -35.31
N MET A 415 8.09 7.63 -34.52
CA MET A 415 8.28 8.69 -33.53
C MET A 415 8.40 10.07 -34.14
N TYR A 416 9.16 10.18 -35.24
CA TYR A 416 9.39 11.48 -35.86
C TYR A 416 8.69 11.66 -37.21
N ALA A 417 7.55 10.97 -37.38
CA ALA A 417 6.70 11.05 -38.56
C ALA A 417 6.51 12.46 -39.09
N PRO A 418 6.22 13.51 -38.25
CA PRO A 418 6.00 14.86 -38.84
C PRO A 418 7.28 15.58 -39.22
N THR A 419 8.46 15.11 -38.78
CA THR A 419 9.74 15.79 -39.07
C THR A 419 10.11 15.77 -40.55
N LEU A 420 10.82 16.80 -41.01
CA LEU A 420 11.29 16.97 -42.40
C LEU A 420 12.17 15.80 -42.84
N TRP A 421 13.12 15.39 -41.96
CA TRP A 421 14.11 14.33 -42.24
C TRP A 421 13.50 12.96 -42.31
N ALA A 422 12.60 12.64 -41.38
CA ALA A 422 11.97 11.33 -41.41
C ALA A 422 11.16 11.16 -42.71
N ARG A 423 10.38 12.18 -43.09
CA ARG A 423 9.55 12.17 -44.30
C ARG A 423 10.39 12.15 -45.58
N MET A 424 11.32 13.11 -45.71
CA MET A 424 12.10 13.22 -46.93
C MET A 424 13.21 12.20 -47.09
N ILE A 425 13.84 11.73 -46.01
CA ILE A 425 14.93 10.78 -46.20
C ILE A 425 14.52 9.39 -45.75
N LEU A 426 14.25 9.19 -44.47
CA LEU A 426 13.92 7.85 -43.96
C LEU A 426 12.80 7.15 -44.73
N MET A 427 11.64 7.81 -44.86
CA MET A 427 10.50 7.24 -45.57
C MET A 427 10.82 6.96 -47.04
N THR A 428 11.56 7.88 -47.68
CA THR A 428 11.90 7.75 -49.10
C THR A 428 12.87 6.62 -49.34
N HIS A 429 13.94 6.54 -48.53
CA HIS A 429 14.97 5.54 -48.69
C HIS A 429 14.47 4.13 -48.45
N PHE A 430 13.78 3.94 -47.32
CA PHE A 430 13.32 2.62 -46.93
C PHE A 430 12.12 2.19 -47.72
N PHE A 431 11.30 3.12 -48.20
CA PHE A 431 10.19 2.64 -49.03
C PHE A 431 10.67 2.15 -50.41
N SER A 432 11.70 2.78 -50.99
CA SER A 432 12.23 2.30 -52.27
C SER A 432 12.90 0.93 -52.12
N ILE A 433 13.54 0.66 -50.97
CA ILE A 433 14.19 -0.63 -50.68
C ILE A 433 13.14 -1.77 -50.56
N LEU A 434 12.03 -1.51 -49.86
CA LEU A 434 10.96 -2.50 -49.70
C LEU A 434 10.26 -2.76 -51.03
N LEU A 435 10.25 -1.76 -51.92
CA LEU A 435 9.65 -1.90 -53.24
C LEU A 435 10.52 -2.87 -54.05
N ALA A 436 11.84 -2.59 -54.07
CA ALA A 436 12.86 -3.37 -54.69
C ALA A 436 12.78 -4.83 -54.18
N GLN A 437 12.87 -5.06 -52.86
CA GLN A 437 12.84 -6.39 -52.29
C GLN A 437 11.44 -7.01 -52.18
N GLU A 438 10.40 -6.36 -52.77
CA GLU A 438 8.99 -6.82 -52.72
C GLU A 438 8.62 -7.31 -51.29
N GLN A 439 8.91 -6.45 -50.25
CA GLN A 439 8.72 -6.78 -48.83
C GLN A 439 7.91 -5.74 -48.01
N LEU A 440 6.98 -5.03 -48.65
CA LEU A 440 6.14 -4.03 -47.99
C LEU A 440 5.22 -4.67 -46.96
N GLU A 441 4.76 -5.88 -47.27
CA GLU A 441 3.82 -6.71 -46.51
C GLU A 441 4.48 -7.51 -45.35
N LYS A 442 5.82 -7.68 -45.37
CA LYS A 442 6.59 -8.37 -44.34
C LYS A 442 6.73 -7.52 -43.08
N ALA A 443 6.35 -8.07 -41.92
CA ALA A 443 6.46 -7.40 -40.62
C ALA A 443 7.91 -7.30 -40.12
N LEU A 444 8.20 -6.20 -39.41
CA LEU A 444 9.48 -5.90 -38.85
C LEU A 444 9.34 -5.57 -37.40
N ASP A 445 10.38 -5.84 -36.64
CA ASP A 445 10.43 -5.51 -35.23
C ASP A 445 11.17 -4.20 -35.06
N CYS A 446 10.57 -3.28 -34.32
CA CYS A 446 11.14 -1.98 -34.00
C CYS A 446 10.87 -1.69 -32.51
N GLN A 447 11.28 -0.49 -32.01
CA GLN A 447 11.10 -0.08 -30.61
C GLN A 447 10.19 1.16 -30.36
N ILE A 448 9.27 1.03 -29.38
CA ILE A 448 8.44 2.14 -28.90
C ILE A 448 8.43 2.09 -27.36
N TYR A 449 9.11 3.10 -26.75
CA TYR A 449 9.32 3.37 -25.31
C TYR A 449 9.91 2.18 -24.55
N GLY A 450 10.88 1.51 -25.19
CA GLY A 450 11.55 0.36 -24.61
C GLY A 450 10.93 -0.99 -24.95
N ALA A 451 9.63 -1.01 -25.30
CA ALA A 451 8.94 -2.21 -25.74
C ALA A 451 9.19 -2.49 -27.24
N CYS A 452 9.27 -3.78 -27.58
CA CYS A 452 9.49 -4.31 -28.92
C CYS A 452 8.15 -4.47 -29.65
N TYR A 453 8.06 -3.96 -30.89
CA TYR A 453 6.82 -3.99 -31.66
C TYR A 453 6.96 -4.60 -33.04
N SER A 454 6.03 -5.48 -33.44
CA SER A 454 6.03 -6.06 -34.78
C SER A 454 5.10 -5.21 -35.61
N ILE A 455 5.62 -4.55 -36.65
CA ILE A 455 4.87 -3.62 -37.49
C ILE A 455 5.06 -3.89 -38.96
N GLU A 456 3.95 -3.82 -39.68
CA GLU A 456 3.98 -3.96 -41.12
C GLU A 456 4.13 -2.55 -41.69
N PRO A 457 5.17 -2.28 -42.51
CA PRO A 457 5.33 -0.93 -43.11
C PRO A 457 4.09 -0.41 -43.83
N LEU A 458 3.22 -1.31 -44.31
CA LEU A 458 1.98 -0.94 -44.98
C LEU A 458 0.95 -0.29 -44.05
N ASP A 459 1.12 -0.48 -42.75
CA ASP A 459 0.27 0.08 -41.73
C ASP A 459 0.76 1.45 -41.25
N LEU A 460 1.95 1.90 -41.73
CA LEU A 460 2.51 3.19 -41.33
C LEU A 460 1.54 4.38 -41.48
N PRO A 461 0.75 4.59 -42.55
CA PRO A 461 -0.16 5.74 -42.56
C PRO A 461 -1.16 5.73 -41.39
N GLN A 462 -1.84 4.61 -41.20
CA GLN A 462 -2.82 4.43 -40.15
C GLN A 462 -2.18 4.71 -38.78
N ILE A 463 -1.00 4.09 -38.49
CA ILE A 463 -0.26 4.30 -37.24
C ILE A 463 0.03 5.78 -37.06
N ILE A 464 0.65 6.43 -38.07
CA ILE A 464 0.99 7.85 -38.04
C ILE A 464 -0.24 8.71 -37.73
N GLN A 465 -1.37 8.51 -38.45
CA GLN A 465 -2.61 9.28 -38.24
C GLN A 465 -3.08 9.15 -36.77
N ARG A 466 -2.96 7.94 -36.22
CA ARG A 466 -3.34 7.68 -34.84
C ARG A 466 -2.35 8.23 -33.82
N LEU A 467 -1.11 8.59 -34.17
CA LEU A 467 -0.17 9.06 -33.14
C LEU A 467 0.18 10.53 -33.28
N HIS A 468 -0.09 11.06 -34.47
CA HIS A 468 0.24 12.41 -34.86
C HIS A 468 -0.92 13.15 -35.55
N GLY A 469 -1.86 12.42 -36.14
CA GLY A 469 -2.97 13.05 -36.83
C GLY A 469 -2.72 13.26 -38.31
N LEU A 470 -3.78 13.62 -39.06
CA LEU A 470 -3.70 13.85 -40.49
C LEU A 470 -2.67 14.89 -40.90
N SER A 471 -2.48 15.95 -40.07
CA SER A 471 -1.53 17.04 -40.34
C SER A 471 -0.11 16.52 -40.65
N ALA A 472 0.27 15.37 -40.03
CA ALA A 472 1.58 14.76 -40.20
C ALA A 472 1.94 14.54 -41.69
N PHE A 473 0.91 14.37 -42.52
CA PHE A 473 1.10 14.10 -43.92
C PHE A 473 1.08 15.37 -44.76
N SER A 474 0.83 16.51 -44.10
CA SER A 474 0.68 17.77 -44.85
C SER A 474 1.37 18.99 -44.17
N LEU A 475 2.32 18.75 -43.25
CA LEU A 475 3.06 19.79 -42.58
C LEU A 475 3.98 20.41 -43.58
N HIS A 476 4.19 21.74 -43.47
CA HIS A 476 5.08 22.55 -44.32
C HIS A 476 5.40 23.80 -43.51
N SER A 477 6.06 24.81 -44.09
CA SER A 477 6.52 26.03 -43.39
C SER A 477 7.44 25.62 -42.26
N TYR A 478 8.46 24.80 -42.56
CA TYR A 478 9.38 24.39 -41.50
C TYR A 478 10.26 25.56 -41.15
N SER A 479 10.68 25.62 -39.89
CA SER A 479 11.55 26.67 -39.41
C SER A 479 12.89 26.69 -40.19
N PRO A 480 13.47 27.88 -40.45
CA PRO A 480 14.78 27.93 -41.12
C PRO A 480 15.86 27.13 -40.36
N GLY A 481 15.78 27.19 -39.03
CA GLY A 481 16.69 26.46 -38.16
C GLY A 481 16.64 24.97 -38.35
N GLU A 482 15.42 24.40 -38.47
CA GLU A 482 15.27 22.96 -38.70
C GLU A 482 15.72 22.61 -40.12
N ILE A 483 15.30 23.40 -41.12
CA ILE A 483 15.75 23.18 -42.48
C ILE A 483 17.27 23.16 -42.54
N ASN A 484 17.93 24.13 -41.87
CA ASN A 484 19.38 24.18 -41.93
C ASN A 484 20.04 23.01 -41.22
N ARG A 485 19.50 22.56 -40.08
CA ARG A 485 20.02 21.43 -39.31
C ARG A 485 20.07 20.21 -40.21
N VAL A 486 18.93 19.93 -40.86
CA VAL A 486 18.72 18.83 -41.77
C VAL A 486 19.72 18.95 -42.93
N ALA A 487 19.75 20.11 -43.64
CA ALA A 487 20.67 20.38 -44.76
C ALA A 487 22.14 20.12 -44.45
N SER A 488 22.61 20.59 -43.28
CA SER A 488 23.98 20.46 -42.79
C SER A 488 24.30 19.03 -42.50
N CYS A 489 23.42 18.39 -41.74
CA CYS A 489 23.53 17.01 -41.30
C CYS A 489 23.71 16.06 -42.49
N LEU A 490 22.94 16.29 -43.59
CA LEU A 490 23.03 15.55 -44.85
C LEU A 490 24.43 15.67 -45.45
N ARG A 491 24.96 16.93 -45.47
CA ARG A 491 26.29 17.30 -45.99
C ARG A 491 27.40 16.56 -45.26
N LYS A 492 27.41 16.60 -43.91
CA LYS A 492 28.47 15.99 -43.14
C LYS A 492 28.47 14.44 -43.24
N LEU A 493 27.35 13.81 -43.63
CA LEU A 493 27.29 12.34 -43.75
C LEU A 493 27.49 11.82 -45.21
N GLY A 494 27.45 12.73 -46.17
CA GLY A 494 27.65 12.37 -47.58
C GLY A 494 26.41 11.79 -48.19
N VAL A 495 25.27 12.31 -47.74
CA VAL A 495 23.92 11.92 -48.11
C VAL A 495 23.51 12.94 -49.16
N PRO A 496 22.82 12.52 -50.22
CA PRO A 496 22.41 13.50 -51.25
C PRO A 496 21.57 14.64 -50.66
N PRO A 497 21.50 15.82 -51.29
CA PRO A 497 20.64 16.91 -50.77
C PRO A 497 19.12 16.62 -50.88
N LEU A 498 18.30 17.46 -50.21
CA LEU A 498 16.85 17.35 -50.18
C LEU A 498 16.19 17.36 -51.57
N ARG A 499 16.75 18.05 -52.56
CA ARG A 499 16.12 18.02 -53.88
C ARG A 499 16.19 16.63 -54.53
N VAL A 500 17.30 15.90 -54.31
CA VAL A 500 17.51 14.52 -54.81
C VAL A 500 16.44 13.63 -54.20
N TRP A 501 16.13 13.83 -52.91
CA TRP A 501 15.13 13.08 -52.15
C TRP A 501 13.72 13.29 -52.69
N ARG A 502 13.39 14.54 -53.12
CA ARG A 502 12.08 14.85 -53.69
C ARG A 502 11.91 14.11 -55.02
N HIS A 503 12.98 14.03 -55.81
CA HIS A 503 12.96 13.33 -57.07
C HIS A 503 12.69 11.83 -56.88
N ARG A 504 13.39 11.22 -55.92
CA ARG A 504 13.26 9.82 -55.59
C ARG A 504 11.88 9.47 -55.05
N ALA A 505 11.31 10.35 -54.19
CA ALA A 505 10.01 10.14 -53.58
C ALA A 505 8.91 10.20 -54.61
N ARG A 506 9.06 11.05 -55.64
CA ARG A 506 8.10 11.15 -56.75
C ARG A 506 7.94 9.79 -57.46
N SER A 507 9.04 9.05 -57.60
CA SER A 507 9.08 7.72 -58.20
C SER A 507 8.52 6.66 -57.24
N VAL A 508 8.98 6.65 -55.97
CA VAL A 508 8.55 5.71 -54.92
C VAL A 508 7.04 5.82 -54.79
N ARG A 509 6.51 7.08 -54.73
CA ARG A 509 5.08 7.38 -54.65
C ARG A 509 4.34 6.79 -55.86
N ALA A 510 4.85 7.07 -57.09
CA ALA A 510 4.27 6.56 -58.33
C ALA A 510 4.12 5.03 -58.30
N ARG A 511 5.17 4.30 -57.89
CA ARG A 511 5.14 2.84 -57.81
C ARG A 511 4.16 2.30 -56.77
N LEU A 512 4.11 2.96 -55.59
CA LEU A 512 3.19 2.54 -54.52
C LEU A 512 1.72 2.73 -54.97
N LEU A 513 1.42 3.86 -55.64
CA LEU A 513 0.08 4.15 -56.14
C LEU A 513 -0.44 3.10 -57.11
N SER A 514 0.42 2.62 -57.98
CA SER A 514 0.09 1.65 -59.01
C SER A 514 -0.02 0.22 -58.49
N GLN A 515 -0.22 0.06 -57.17
CA GLN A 515 -0.29 -1.24 -56.47
C GLN A 515 -1.56 -1.39 -55.65
N GLY A 516 -2.27 -0.28 -55.46
CA GLY A 516 -3.50 -0.19 -54.69
C GLY A 516 -3.36 -0.66 -53.24
N GLY A 517 -4.51 -0.75 -52.57
CA GLY A 517 -4.61 -1.20 -51.21
C GLY A 517 -3.77 -0.34 -50.29
N ARG A 518 -3.21 -0.96 -49.25
CA ARG A 518 -2.38 -0.24 -48.30
C ARG A 518 -1.19 0.45 -48.98
N ALA A 519 -0.54 -0.23 -49.97
CA ALA A 519 0.61 0.32 -50.71
C ALA A 519 0.32 1.70 -51.28
N ALA A 520 -0.85 1.87 -51.91
CA ALA A 520 -1.25 3.16 -52.49
C ALA A 520 -1.57 4.20 -51.40
N THR A 521 -2.00 3.73 -50.22
CA THR A 521 -2.26 4.65 -49.12
C THR A 521 -0.91 5.21 -48.67
N CYS A 522 0.15 4.35 -48.67
CA CYS A 522 1.52 4.73 -48.34
C CYS A 522 1.99 5.79 -49.36
N GLY A 523 1.71 5.56 -50.63
CA GLY A 523 2.04 6.49 -51.71
C GLY A 523 1.39 7.84 -51.48
N LYS A 524 0.06 7.86 -51.43
CA LYS A 524 -0.79 9.05 -51.27
C LYS A 524 -0.46 9.89 -50.02
N TYR A 525 -0.43 9.26 -48.87
CA TYR A 525 -0.26 9.93 -47.59
C TYR A 525 1.19 10.20 -47.23
N LEU A 526 2.04 9.17 -47.17
CA LEU A 526 3.45 9.35 -46.82
C LEU A 526 4.25 10.26 -47.77
N PHE A 527 3.85 10.38 -49.05
CA PHE A 527 4.63 11.11 -50.03
C PHE A 527 3.88 12.25 -50.71
N ASN A 528 2.83 12.78 -50.04
CA ASN A 528 2.05 13.90 -50.58
C ASN A 528 2.94 15.15 -50.70
N TRP A 529 4.00 15.24 -49.86
CA TRP A 529 4.95 16.35 -49.83
C TRP A 529 5.74 16.49 -51.10
N ALA A 530 6.03 15.36 -51.76
CA ALA A 530 6.83 15.30 -52.98
C ALA A 530 6.12 15.79 -54.24
N VAL A 531 4.83 16.09 -54.13
CA VAL A 531 4.07 16.54 -55.29
C VAL A 531 3.68 18.02 -55.17
N ARG A 532 3.88 18.80 -56.24
CA ARG A 532 3.58 20.25 -56.34
C ARG A 532 2.07 20.48 -56.11
N THR A 533 1.26 19.69 -56.81
CA THR A 533 -0.20 19.73 -56.71
C THR A 533 -0.61 18.73 -55.61
N LYS A 534 -0.67 19.22 -54.36
CA LYS A 534 -1.04 18.40 -53.20
C LYS A 534 -2.50 17.96 -53.26
N LEU A 535 -2.69 16.71 -52.86
CA LEU A 535 -3.97 16.02 -52.82
C LEU A 535 -4.63 16.35 -51.51
N LYS A 536 -5.98 16.43 -51.51
CA LYS A 536 -6.73 16.64 -50.27
C LYS A 536 -6.80 15.25 -49.63
N LEU A 537 -6.26 15.17 -48.42
CA LEU A 537 -6.15 13.92 -47.68
C LEU A 537 -7.25 13.85 -46.65
N THR A 538 -8.02 12.77 -46.69
CA THR A 538 -9.17 12.48 -45.81
C THR A 538 -8.73 11.40 -44.81
N PRO A 539 -9.36 11.25 -43.64
CA PRO A 539 -8.90 10.19 -42.71
C PRO A 539 -9.00 8.76 -43.28
N ILE A 540 -8.02 7.90 -42.92
CA ILE A 540 -8.01 6.50 -43.33
C ILE A 540 -9.06 5.77 -42.45
N PRO A 541 -10.10 5.18 -43.09
CA PRO A 541 -11.16 4.50 -42.32
C PRO A 541 -10.65 3.35 -41.47
N ALA A 542 -9.70 2.55 -42.00
CA ALA A 542 -9.14 1.37 -41.31
C ALA A 542 -8.30 1.70 -40.07
N ALA A 543 -7.91 3.00 -39.89
CA ALA A 543 -7.08 3.50 -38.78
C ALA A 543 -7.76 3.37 -37.43
N SER A 544 -9.11 3.38 -37.40
CA SER A 544 -9.93 3.23 -36.19
C SER A 544 -9.86 1.79 -35.66
N GLN A 545 -9.83 0.78 -36.55
CA GLN A 545 -9.69 -0.63 -36.21
C GLN A 545 -8.29 -0.99 -35.58
N LEU A 546 -7.31 -0.05 -35.56
CA LEU A 546 -5.98 -0.34 -35.02
C LEU A 546 -5.95 -0.35 -33.52
N ASP A 547 -5.71 -1.52 -32.89
CA ASP A 547 -5.65 -1.53 -31.41
C ASP A 547 -4.28 -1.13 -30.90
N LEU A 548 -4.20 0.11 -30.36
CA LEU A 548 -2.94 0.68 -29.85
C LEU A 548 -3.01 0.89 -28.31
N SER A 549 -3.91 0.13 -27.67
CA SER A 549 -4.16 0.16 -26.24
C SER A 549 -2.92 -0.16 -25.37
N SER A 550 -1.92 -0.88 -25.92
CA SER A 550 -0.69 -1.24 -25.22
C SER A 550 0.47 -0.35 -25.65
N TRP A 551 0.22 0.52 -26.64
CA TRP A 551 1.25 1.36 -27.25
C TRP A 551 1.80 2.48 -26.34
N PHE A 552 0.97 3.44 -25.95
CA PHE A 552 1.53 4.50 -25.13
C PHE A 552 1.02 4.44 -23.71
N VAL A 553 1.16 3.24 -23.08
CA VAL A 553 0.73 3.02 -21.69
C VAL A 553 1.89 3.40 -20.77
N ALA A 554 3.03 2.72 -20.98
CA ALA A 554 4.20 2.87 -20.14
C ALA A 554 5.49 2.55 -20.88
N GLY A 555 6.61 2.80 -20.20
CA GLY A 555 7.96 2.56 -20.66
C GLY A 555 8.41 1.21 -20.15
N TYR A 556 9.17 0.47 -20.96
CA TYR A 556 9.63 -0.87 -20.61
C TYR A 556 11.08 -1.14 -21.15
N SER A 557 11.96 -0.10 -21.09
CA SER A 557 13.34 -0.22 -21.53
C SER A 557 14.09 -1.17 -20.59
N GLY A 558 14.59 -2.27 -21.17
CA GLY A 558 15.24 -3.36 -20.47
C GLY A 558 14.22 -4.38 -19.96
N GLY A 559 12.93 -4.03 -20.06
CA GLY A 559 11.79 -4.81 -19.59
C GLY A 559 11.49 -6.09 -20.33
N ASP A 560 12.01 -6.26 -21.61
CA ASP A 560 11.85 -7.46 -22.46
C ASP A 560 10.38 -7.69 -22.84
N ILE A 561 9.66 -6.63 -23.31
CA ILE A 561 8.22 -6.70 -23.63
C ILE A 561 7.98 -6.65 -25.13
N TYR A 562 7.10 -7.53 -25.63
CA TYR A 562 6.80 -7.62 -27.04
C TYR A 562 5.32 -7.50 -27.34
N HIS A 563 4.98 -6.60 -28.27
CA HIS A 563 3.62 -6.41 -28.75
C HIS A 563 3.53 -6.48 -30.28
N SER A 564 2.74 -7.43 -30.81
CA SER A 564 2.50 -7.56 -32.25
C SER A 564 1.25 -6.74 -32.57
N LEU A 565 1.35 -5.80 -33.54
CA LEU A 565 0.23 -4.93 -33.88
C LEU A 565 -1.02 -5.68 -34.35
N SER A 566 -2.13 -5.50 -33.60
CA SER A 566 -3.41 -6.16 -33.90
C SER A 566 -4.54 -5.18 -34.24
N ARG A 567 -5.50 -5.69 -35.04
CA ARG A 567 -6.61 -4.98 -35.67
C ARG A 567 -8.05 -5.48 -35.29
N ALA A 568 -8.68 -4.78 -34.33
CA ALA A 568 -10.03 -5.06 -33.82
C ALA A 568 -11.18 -4.63 -34.77
N ARG A 569 -11.93 -5.65 -35.30
CA ARG A 569 -13.11 -5.59 -36.20
C ARG A 569 -12.76 -5.12 -37.67
N PRO A 570 -12.15 -5.99 -38.53
CA PRO A 570 -11.80 -5.56 -39.89
C PRO A 570 -12.97 -5.59 -40.89
N ARG A 571 -13.23 -4.45 -41.57
CA ARG A 571 -14.29 -4.37 -42.58
C ARG A 571 -13.81 -5.05 -43.87
N TRP A 572 -14.72 -5.59 -44.69
CA TRP A 572 -14.35 -6.37 -45.87
C TRP A 572 -13.64 -5.54 -46.98
N PHE A 573 -14.16 -4.32 -47.28
CA PHE A 573 -13.67 -3.42 -48.33
C PHE A 573 -12.25 -2.89 -48.10
N MET A 574 -11.58 -3.44 -47.09
CA MET A 574 -10.21 -3.12 -46.72
C MET A 574 -9.28 -4.34 -46.94
N SER B 2 -15.76 -20.27 2.11
CA SER B 2 -15.35 -21.47 2.80
C SER B 2 -16.00 -21.57 4.18
N MET B 3 -15.83 -22.72 4.84
CA MET B 3 -16.33 -22.96 6.19
C MET B 3 -15.44 -22.21 7.17
N SER B 4 -16.04 -21.58 8.20
CA SER B 4 -15.31 -20.82 9.22
C SER B 4 -14.36 -21.77 9.97
N TYR B 5 -14.88 -22.96 10.29
CA TYR B 5 -14.15 -24.06 10.90
C TYR B 5 -14.55 -25.40 10.27
N THR B 6 -13.65 -26.39 10.36
CA THR B 6 -13.85 -27.79 10.00
C THR B 6 -13.38 -28.53 11.23
N TRP B 7 -14.01 -29.69 11.51
CA TRP B 7 -13.65 -30.44 12.71
C TRP B 7 -13.36 -31.91 12.43
N THR B 8 -12.40 -32.47 13.19
CA THR B 8 -11.99 -33.87 13.11
C THR B 8 -12.87 -34.74 14.02
N GLY B 9 -13.42 -34.11 15.06
CA GLY B 9 -14.27 -34.81 16.03
C GLY B 9 -13.61 -34.87 17.39
N ALA B 10 -12.28 -34.59 17.41
CA ALA B 10 -11.49 -34.51 18.63
C ALA B 10 -12.11 -33.41 19.53
N LEU B 11 -12.39 -33.76 20.79
CA LEU B 11 -13.04 -32.83 21.72
C LEU B 11 -12.17 -31.65 22.08
N ILE B 12 -12.80 -30.52 22.46
CA ILE B 12 -12.08 -29.36 22.94
C ILE B 12 -11.91 -29.65 24.45
N THR B 13 -10.67 -30.05 24.80
CA THR B 13 -10.27 -30.48 26.14
C THR B 13 -9.77 -29.28 27.01
N PRO B 14 -9.96 -29.34 28.36
CA PRO B 14 -9.53 -28.20 29.21
C PRO B 14 -8.12 -28.32 29.83
N CYS B 15 -7.70 -27.30 30.61
CA CYS B 15 -6.40 -27.19 31.28
C CYS B 15 -5.98 -28.44 32.05
N TYR B 39 -24.23 -19.09 37.48
CA TYR B 39 -23.49 -20.18 36.83
C TYR B 39 -22.21 -19.70 36.07
N ALA B 40 -21.25 -20.62 35.84
CA ALA B 40 -20.01 -20.41 35.07
C ALA B 40 -19.94 -21.43 33.91
N THR B 41 -19.42 -21.02 32.73
CA THR B 41 -19.30 -21.90 31.54
C THR B 41 -18.08 -22.85 31.59
N THR B 42 -18.18 -24.04 30.95
CA THR B 42 -17.16 -25.11 30.90
C THR B 42 -16.96 -25.69 29.49
N SER B 43 -16.00 -26.65 29.33
CA SER B 43 -15.70 -27.32 28.06
C SER B 43 -16.78 -28.34 27.62
N ARG B 44 -17.87 -28.48 28.41
CA ARG B 44 -19.02 -29.37 28.14
C ARG B 44 -19.89 -28.74 27.02
N SER B 45 -20.23 -27.44 27.19
CA SER B 45 -21.03 -26.61 26.28
C SER B 45 -20.25 -26.17 25.01
N ALA B 46 -18.97 -26.59 24.89
CA ALA B 46 -18.08 -26.29 23.77
C ALA B 46 -18.63 -26.72 22.41
N SER B 47 -19.31 -27.87 22.38
CA SER B 47 -19.95 -28.46 21.18
C SER B 47 -21.11 -27.60 20.67
N LEU B 48 -21.88 -26.97 21.61
CA LEU B 48 -23.02 -26.09 21.28
C LEU B 48 -22.54 -24.83 20.57
N ARG B 49 -21.40 -24.25 21.03
CA ARG B 49 -20.74 -23.06 20.45
C ARG B 49 -20.20 -23.42 19.05
N GLN B 50 -19.49 -24.58 18.93
CA GLN B 50 -18.94 -25.09 17.66
C GLN B 50 -19.99 -25.07 16.55
N LYS B 51 -21.21 -25.59 16.83
CA LYS B 51 -22.30 -25.61 15.86
C LYS B 51 -22.70 -24.19 15.37
N LYS B 52 -22.75 -23.18 16.29
CA LYS B 52 -23.12 -21.79 15.97
C LYS B 52 -22.07 -21.07 15.08
N VAL B 53 -20.79 -21.17 15.46
CA VAL B 53 -19.65 -20.53 14.79
C VAL B 53 -19.16 -21.27 13.54
N THR B 54 -19.80 -22.39 13.15
CA THR B 54 -19.38 -23.18 11.99
C THR B 54 -20.40 -23.01 10.86
N PHE B 55 -19.96 -22.42 9.75
CA PHE B 55 -20.79 -22.13 8.57
C PHE B 55 -19.96 -21.66 7.35
N ASP B 56 -20.52 -21.86 6.14
CA ASP B 56 -19.89 -21.38 4.93
C ASP B 56 -20.14 -19.84 4.89
N ARG B 57 -19.12 -19.04 4.51
CA ARG B 57 -19.31 -17.61 4.42
C ARG B 57 -19.55 -17.22 2.98
N LEU B 58 -20.58 -16.40 2.73
CA LEU B 58 -20.84 -15.91 1.37
C LEU B 58 -20.54 -14.38 1.36
N GLN B 59 -19.58 -13.95 0.53
CA GLN B 59 -19.17 -12.55 0.50
C GLN B 59 -19.16 -12.00 -0.91
N VAL B 60 -19.87 -10.90 -1.11
CA VAL B 60 -19.92 -10.21 -2.39
C VAL B 60 -19.48 -8.76 -2.14
N LEU B 61 -18.39 -8.37 -2.81
CA LEU B 61 -17.87 -7.02 -2.67
C LEU B 61 -18.36 -6.14 -3.80
N ASP B 62 -18.36 -4.84 -3.58
CA ASP B 62 -18.80 -3.86 -4.57
C ASP B 62 -17.86 -2.66 -4.60
N ASP B 63 -18.25 -1.66 -5.39
CA ASP B 63 -17.50 -0.44 -5.59
C ASP B 63 -17.43 0.40 -4.35
N HIS B 64 -18.50 0.45 -3.54
CA HIS B 64 -18.50 1.18 -2.26
C HIS B 64 -17.41 0.64 -1.34
N TYR B 65 -17.40 -0.70 -1.19
CA TYR B 65 -16.40 -1.41 -0.40
C TYR B 65 -15.00 -1.06 -0.93
N ARG B 66 -14.78 -1.25 -2.26
CA ARG B 66 -13.53 -0.96 -2.95
C ARG B 66 -13.04 0.48 -2.74
N ASP B 67 -13.96 1.47 -2.82
CA ASP B 67 -13.68 2.90 -2.63
C ASP B 67 -13.13 3.20 -1.23
N VAL B 68 -13.94 2.86 -0.19
CA VAL B 68 -13.62 3.07 1.22
C VAL B 68 -12.26 2.43 1.51
N LEU B 69 -12.04 1.22 0.97
CA LEU B 69 -10.79 0.51 1.14
C LEU B 69 -9.61 1.35 0.63
N LYS B 70 -9.71 1.93 -0.59
CA LYS B 70 -8.66 2.78 -1.13
C LYS B 70 -8.45 4.04 -0.26
N GLU B 71 -9.55 4.64 0.25
CA GLU B 71 -9.45 5.81 1.15
C GLU B 71 -8.70 5.46 2.46
N MET B 72 -8.97 4.26 3.03
CA MET B 72 -8.30 3.74 4.22
C MET B 72 -6.81 3.53 3.96
N LYS B 73 -6.48 2.87 2.83
CA LYS B 73 -5.11 2.54 2.37
C LYS B 73 -4.28 3.82 2.24
N ALA B 74 -4.91 4.90 1.70
CA ALA B 74 -4.26 6.21 1.50
C ALA B 74 -3.85 6.81 2.85
N LYS B 75 -4.71 6.65 3.91
CA LYS B 75 -4.41 7.16 5.25
C LYS B 75 -3.29 6.31 5.92
N ALA B 76 -3.26 4.99 5.59
CA ALA B 76 -2.24 4.06 6.09
C ALA B 76 -0.87 4.41 5.50
N SER B 77 -0.84 4.88 4.23
CA SER B 77 0.39 5.25 3.51
C SER B 77 1.25 6.24 4.28
N THR B 78 0.60 7.10 5.11
CA THR B 78 1.26 8.11 5.95
C THR B 78 1.98 7.50 7.17
N VAL B 79 1.63 6.25 7.57
CA VAL B 79 2.26 5.60 8.72
C VAL B 79 3.64 5.04 8.39
N LYS B 80 4.58 5.18 9.36
CA LYS B 80 5.93 4.61 9.34
C LYS B 80 6.01 3.80 10.64
N ALA B 81 6.29 2.50 10.57
CA ALA B 81 6.29 1.68 11.79
C ALA B 81 7.64 1.09 12.03
N LYS B 82 8.00 0.92 13.30
CA LYS B 82 9.32 0.44 13.67
C LYS B 82 9.33 -1.03 14.10
N LEU B 83 10.43 -1.70 13.78
CA LEU B 83 10.65 -3.07 14.19
C LEU B 83 11.05 -3.06 15.65
N LEU B 84 10.38 -3.85 16.49
CA LEU B 84 10.69 -3.94 17.93
C LEU B 84 11.83 -4.93 18.07
N SER B 85 12.67 -4.75 19.11
CA SER B 85 13.80 -5.66 19.40
C SER B 85 13.26 -6.89 20.15
N VAL B 86 14.06 -7.97 20.26
CA VAL B 86 13.65 -9.13 21.05
C VAL B 86 13.34 -8.64 22.48
N GLU B 87 14.27 -7.87 23.07
CA GLU B 87 14.14 -7.28 24.39
C GLU B 87 12.83 -6.48 24.50
N GLU B 88 12.61 -5.50 23.58
CA GLU B 88 11.42 -4.64 23.56
C GLU B 88 10.13 -5.46 23.55
N ALA B 89 10.11 -6.53 22.71
CA ALA B 89 8.98 -7.43 22.55
C ALA B 89 8.80 -8.34 23.78
N CYS B 90 9.92 -8.73 24.42
CA CYS B 90 9.92 -9.56 25.63
C CYS B 90 9.34 -8.80 26.80
N LYS B 91 9.86 -7.59 27.03
CA LYS B 91 9.44 -6.70 28.10
C LYS B 91 7.97 -6.25 27.93
N LEU B 92 7.32 -6.67 26.84
CA LEU B 92 5.91 -6.38 26.58
C LEU B 92 5.03 -7.62 26.83
N THR B 93 5.65 -8.73 27.26
CA THR B 93 4.93 -9.97 27.55
C THR B 93 4.24 -9.94 28.92
N PRO B 94 2.90 -10.10 29.02
CA PRO B 94 2.27 -10.16 30.36
C PRO B 94 2.78 -11.35 31.21
N PRO B 95 2.79 -11.26 32.56
CA PRO B 95 3.38 -12.34 33.39
C PRO B 95 2.69 -13.71 33.44
N HIS B 96 1.35 -13.74 33.39
CA HIS B 96 0.57 -14.99 33.46
C HIS B 96 0.34 -15.60 32.05
N SER B 97 1.00 -15.03 31.02
CA SER B 97 0.89 -15.46 29.61
C SER B 97 1.24 -16.93 29.43
N ALA B 98 0.33 -17.72 28.79
CA ALA B 98 0.43 -19.16 28.52
C ALA B 98 1.84 -19.60 28.19
N ARG B 99 2.35 -20.61 28.92
CA ARG B 99 3.74 -21.03 28.72
C ARG B 99 3.96 -21.71 27.38
N SER B 100 5.15 -21.49 26.79
CA SER B 100 5.54 -22.08 25.51
C SER B 100 5.62 -23.58 25.62
N LYS B 101 5.25 -24.30 24.55
CA LYS B 101 5.36 -25.76 24.50
C LYS B 101 6.83 -26.16 24.28
N PHE B 102 7.75 -25.17 24.21
CA PHE B 102 9.18 -25.38 23.99
C PHE B 102 10.02 -25.11 25.25
N GLY B 103 9.42 -25.41 26.41
CA GLY B 103 10.06 -25.34 27.71
C GLY B 103 10.48 -23.99 28.27
N TYR B 104 9.56 -23.01 28.26
CA TYR B 104 9.74 -21.68 28.86
C TYR B 104 8.39 -21.01 29.00
N GLY B 105 8.31 -20.03 29.90
CA GLY B 105 7.08 -19.30 30.15
C GLY B 105 7.30 -17.80 30.15
N ALA B 106 6.22 -17.05 30.45
CA ALA B 106 6.23 -15.57 30.46
C ALA B 106 7.38 -14.94 31.24
N LYS B 107 7.69 -15.52 32.44
CA LYS B 107 8.75 -15.08 33.34
C LYS B 107 10.11 -15.12 32.65
N ASP B 108 10.45 -16.26 32.03
CA ASP B 108 11.69 -16.47 31.29
C ASP B 108 11.87 -15.40 30.19
N VAL B 109 10.75 -15.10 29.46
CA VAL B 109 10.65 -14.11 28.35
C VAL B 109 10.96 -12.73 28.92
N ARG B 110 10.13 -12.30 29.89
CA ARG B 110 10.30 -11.03 30.57
C ARG B 110 11.74 -10.88 31.08
N ASN B 111 12.32 -11.97 31.65
CA ASN B 111 13.66 -11.96 32.22
C ASN B 111 14.79 -12.07 31.20
N LEU B 112 14.44 -12.23 29.92
CA LEU B 112 15.39 -12.36 28.81
C LEU B 112 16.28 -13.56 28.99
N SER B 113 15.66 -14.69 29.42
CA SER B 113 16.32 -15.98 29.60
C SER B 113 16.95 -16.39 28.28
N SER B 114 18.19 -16.87 28.32
CA SER B 114 18.90 -17.31 27.12
C SER B 114 18.09 -18.33 26.30
N LYS B 115 17.37 -19.24 26.99
CA LYS B 115 16.54 -20.24 26.33
C LYS B 115 15.42 -19.56 25.54
N ALA B 116 14.53 -18.80 26.23
CA ALA B 116 13.40 -18.05 25.66
C ALA B 116 13.87 -17.21 24.49
N VAL B 117 14.87 -16.35 24.71
CA VAL B 117 15.45 -15.48 23.68
C VAL B 117 15.88 -16.28 22.43
N ASN B 118 16.67 -17.36 22.59
CA ASN B 118 17.13 -18.19 21.47
C ASN B 118 15.99 -18.78 20.69
N HIS B 119 14.93 -19.27 21.41
CA HIS B 119 13.80 -19.82 20.70
C HIS B 119 13.11 -18.73 19.86
N ILE B 120 12.73 -17.60 20.50
CA ILE B 120 12.11 -16.44 19.85
C ILE B 120 12.89 -16.06 18.58
N ARG B 121 14.23 -15.99 18.68
CA ARG B 121 15.13 -15.65 17.58
C ARG B 121 15.01 -16.62 16.43
N SER B 122 14.80 -17.94 16.75
CA SER B 122 14.65 -19.02 15.76
C SER B 122 13.26 -18.94 15.10
N VAL B 123 12.20 -18.65 15.92
CA VAL B 123 10.81 -18.45 15.49
C VAL B 123 10.75 -17.33 14.45
N TRP B 124 11.44 -16.21 14.72
CA TRP B 124 11.54 -15.06 13.84
C TRP B 124 12.19 -15.47 12.54
N LYS B 125 13.39 -16.08 12.61
CA LYS B 125 14.16 -16.55 11.45
C LYS B 125 13.29 -17.45 10.57
N ASP B 126 12.43 -18.27 11.22
CA ASP B 126 11.54 -19.18 10.51
C ASP B 126 10.43 -18.41 9.75
N LEU B 127 9.97 -17.28 10.29
CA LEU B 127 8.96 -16.47 9.61
C LEU B 127 9.65 -15.82 8.42
N LEU B 128 10.92 -15.45 8.58
CA LEU B 128 11.62 -14.81 7.48
C LEU B 128 11.94 -15.80 6.34
N GLU B 129 12.00 -17.10 6.65
CA GLU B 129 12.42 -18.10 5.69
C GLU B 129 11.30 -18.95 5.17
N ASP B 130 10.33 -19.29 6.01
CA ASP B 130 9.19 -20.09 5.59
C ASP B 130 8.02 -19.09 5.40
N THR B 131 7.45 -19.11 4.19
CA THR B 131 6.37 -18.21 3.78
C THR B 131 5.03 -18.93 3.67
N GLU B 132 5.02 -20.28 3.73
CA GLU B 132 3.78 -21.02 3.49
C GLU B 132 3.26 -21.93 4.61
N THR B 133 4.15 -22.57 5.42
CA THR B 133 3.72 -23.57 6.41
C THR B 133 2.76 -23.06 7.48
N PRO B 134 1.53 -23.58 7.57
CA PRO B 134 0.65 -23.11 8.63
C PRO B 134 1.27 -23.34 10.01
N ILE B 135 1.15 -22.32 10.85
CA ILE B 135 1.61 -22.29 12.23
C ILE B 135 0.47 -22.90 13.06
N ASP B 136 0.85 -23.73 14.01
CA ASP B 136 -0.12 -24.38 14.84
C ASP B 136 -0.65 -23.39 15.89
N THR B 137 -1.94 -23.58 16.20
CA THR B 137 -2.69 -22.87 17.21
C THR B 137 -3.35 -23.86 18.14
N THR B 138 -3.66 -23.40 19.36
CA THR B 138 -4.34 -24.16 20.39
C THR B 138 -5.75 -23.61 20.48
N ILE B 139 -6.75 -24.50 20.45
CA ILE B 139 -8.15 -24.17 20.68
C ILE B 139 -8.53 -24.57 22.11
N MET B 140 -9.25 -23.67 22.80
CA MET B 140 -9.66 -23.86 24.19
C MET B 140 -10.96 -23.16 24.48
N ALA B 141 -11.68 -23.64 25.50
CA ALA B 141 -12.93 -23.07 26.01
C ALA B 141 -12.63 -21.94 27.00
N LYS B 142 -13.51 -20.94 27.02
CA LYS B 142 -13.45 -19.79 27.89
C LYS B 142 -14.54 -19.97 28.97
N ASN B 143 -14.12 -19.97 30.26
CA ASN B 143 -14.99 -20.13 31.45
C ASN B 143 -15.48 -18.76 32.00
N GLU B 144 -16.67 -18.28 31.51
CA GLU B 144 -17.28 -17.00 31.91
C GLU B 144 -18.48 -17.18 32.83
N VAL B 145 -18.58 -16.31 33.84
CA VAL B 145 -19.64 -16.28 34.82
C VAL B 145 -20.86 -15.49 34.26
N PHE B 146 -22.08 -16.08 34.33
CA PHE B 146 -23.32 -15.42 33.89
C PHE B 146 -24.45 -15.67 34.90
N CYS B 147 -25.49 -14.83 34.89
CA CYS B 147 -26.59 -14.96 35.83
C CYS B 147 -27.62 -16.03 35.45
N VAL B 148 -28.19 -16.69 36.48
CA VAL B 148 -29.23 -17.72 36.38
C VAL B 148 -30.57 -17.07 35.91
N GLN B 149 -30.76 -17.02 34.56
CA GLN B 149 -31.97 -16.43 33.97
C GLN B 149 -32.91 -17.50 33.37
N PRO B 150 -34.01 -17.90 34.08
CA PRO B 150 -34.90 -18.93 33.53
C PRO B 150 -35.98 -18.40 32.59
N LYS B 156 -25.76 -20.62 28.66
CA LYS B 156 -25.15 -20.17 27.41
C LYS B 156 -23.87 -20.97 27.06
N PRO B 157 -23.51 -21.16 25.74
CA PRO B 157 -22.29 -21.93 25.43
C PRO B 157 -20.99 -21.13 25.55
N ALA B 158 -19.95 -21.78 26.16
CA ALA B 158 -18.59 -21.26 26.42
C ALA B 158 -17.92 -20.70 25.16
N ARG B 159 -17.21 -19.55 25.28
CA ARG B 159 -16.53 -18.91 24.15
C ARG B 159 -15.23 -19.61 23.77
N LEU B 160 -14.81 -19.49 22.50
CA LEU B 160 -13.61 -20.17 22.04
C LEU B 160 -12.39 -19.26 22.01
N ILE B 161 -11.21 -19.82 22.30
CA ILE B 161 -9.99 -19.04 22.29
C ILE B 161 -8.89 -19.77 21.50
N VAL B 162 -8.40 -19.10 20.44
CA VAL B 162 -7.41 -19.70 19.54
C VAL B 162 -6.13 -18.89 19.59
N PHE B 163 -4.99 -19.57 19.84
CA PHE B 163 -3.73 -18.87 19.99
C PHE B 163 -2.47 -19.66 19.60
N PRO B 164 -1.47 -18.94 19.00
CA PRO B 164 -0.20 -19.61 18.69
C PRO B 164 0.67 -19.71 19.94
N ASP B 165 1.84 -20.35 19.79
CA ASP B 165 2.80 -20.48 20.87
C ASP B 165 3.40 -19.12 21.28
N LEU B 166 3.82 -19.01 22.55
CA LEU B 166 4.43 -17.83 23.15
C LEU B 166 5.56 -17.21 22.30
N GLY B 167 6.40 -18.04 21.70
CA GLY B 167 7.48 -17.52 20.86
C GLY B 167 6.99 -16.80 19.63
N VAL B 168 5.85 -17.27 19.08
CA VAL B 168 5.20 -16.67 17.89
C VAL B 168 4.58 -15.36 18.38
N ARG B 169 3.90 -15.42 19.54
CA ARG B 169 3.28 -14.27 20.21
C ARG B 169 4.26 -13.11 20.41
N VAL B 170 5.54 -13.44 20.73
CA VAL B 170 6.60 -12.45 20.88
C VAL B 170 6.97 -11.88 19.50
N CYS B 171 7.16 -12.75 18.49
CA CYS B 171 7.50 -12.33 17.11
C CYS B 171 6.43 -11.42 16.49
N GLU B 172 5.14 -11.67 16.83
CA GLU B 172 4.00 -10.90 16.39
C GLU B 172 4.21 -9.46 16.83
N LYS B 173 4.68 -9.27 18.08
CA LYS B 173 4.96 -7.95 18.69
C LYS B 173 6.11 -7.22 18.00
N MET B 174 7.17 -7.94 17.65
CA MET B 174 8.35 -7.37 16.99
C MET B 174 7.96 -6.71 15.70
N ALA B 175 7.21 -7.45 14.87
CA ALA B 175 6.75 -7.03 13.56
C ALA B 175 5.55 -6.08 13.54
N LEU B 176 4.53 -6.33 14.40
CA LEU B 176 3.28 -5.58 14.31
C LEU B 176 2.85 -4.72 15.49
N TYR B 177 3.53 -4.74 16.64
CA TYR B 177 3.08 -3.92 17.78
C TYR B 177 3.04 -2.41 17.44
N ASP B 178 4.06 -1.91 16.73
CA ASP B 178 4.06 -0.49 16.36
C ASP B 178 2.94 -0.17 15.35
N VAL B 179 2.67 -1.12 14.44
CA VAL B 179 1.60 -1.00 13.47
C VAL B 179 0.26 -0.95 14.21
N VAL B 180 -0.05 -1.97 15.07
CA VAL B 180 -1.34 -2.03 15.80
C VAL B 180 -1.55 -0.85 16.76
N SER B 181 -0.48 -0.14 17.13
CA SER B 181 -0.55 1.00 18.04
C SER B 181 -0.78 2.29 17.29
N THR B 182 -0.11 2.46 16.13
CA THR B 182 -0.17 3.68 15.34
C THR B 182 -1.25 3.73 14.24
N LEU B 183 -1.28 2.69 13.39
CA LEU B 183 -2.10 2.63 12.19
C LEU B 183 -3.63 2.79 12.43
N PRO B 184 -4.30 2.09 13.37
CA PRO B 184 -5.77 2.26 13.50
C PRO B 184 -6.23 3.70 13.66
N GLN B 185 -5.52 4.55 14.46
CA GLN B 185 -5.93 5.96 14.62
C GLN B 185 -5.67 6.75 13.35
N ALA B 186 -4.55 6.46 12.64
CA ALA B 186 -4.21 7.10 11.36
C ALA B 186 -5.29 6.87 10.32
N VAL B 187 -5.79 5.65 10.25
CA VAL B 187 -6.78 5.26 9.30
C VAL B 187 -8.19 5.74 9.70
N MET B 188 -8.59 5.53 10.97
CA MET B 188 -9.98 5.77 11.38
C MET B 188 -10.26 7.07 12.07
N GLY B 189 -9.22 7.74 12.53
CA GLY B 189 -9.38 9.02 13.19
C GLY B 189 -10.19 8.91 14.46
N SER B 190 -11.18 9.81 14.63
CA SER B 190 -12.05 9.90 15.82
C SER B 190 -13.02 8.74 15.92
N SER B 191 -13.17 7.99 14.81
CA SER B 191 -14.04 6.82 14.78
C SER B 191 -13.47 5.64 15.57
N TYR B 192 -12.14 5.63 15.80
CA TYR B 192 -11.44 4.57 16.51
C TYR B 192 -11.72 4.57 18.02
N GLY B 193 -12.58 3.65 18.44
CA GLY B 193 -13.02 3.50 19.82
C GLY B 193 -11.95 3.47 20.88
N PHE B 194 -11.00 2.54 20.74
CA PHE B 194 -9.96 2.28 21.73
C PHE B 194 -8.98 3.45 22.03
N GLN B 195 -9.21 4.64 21.49
CA GLN B 195 -8.34 5.80 21.72
C GLN B 195 -8.86 6.62 22.89
N TYR B 196 -10.11 6.33 23.33
CA TYR B 196 -10.83 7.10 24.33
C TYR B 196 -10.93 6.52 25.72
N SER B 197 -10.89 7.43 26.73
CA SER B 197 -11.19 7.11 28.13
C SER B 197 -12.75 7.06 28.22
N PRO B 198 -13.39 6.28 29.14
CA PRO B 198 -14.88 6.23 29.14
C PRO B 198 -15.51 7.62 29.02
N GLY B 199 -14.89 8.62 29.66
CA GLY B 199 -15.33 10.00 29.67
C GLY B 199 -15.28 10.63 28.30
N GLN B 200 -14.11 10.48 27.63
CA GLN B 200 -13.87 10.97 26.26
C GLN B 200 -14.87 10.37 25.25
N ARG B 201 -15.13 9.03 25.33
CA ARG B 201 -16.11 8.34 24.49
C ARG B 201 -17.47 9.00 24.64
N VAL B 202 -17.87 9.22 25.90
CA VAL B 202 -19.14 9.84 26.26
C VAL B 202 -19.23 11.24 25.63
N GLU B 203 -18.17 12.04 25.80
CA GLU B 203 -18.09 13.38 25.24
C GLU B 203 -18.19 13.33 23.69
N PHE B 204 -17.51 12.34 23.05
CA PHE B 204 -17.54 12.15 21.60
C PHE B 204 -18.97 11.95 21.14
N LEU B 205 -19.67 11.01 21.76
CA LEU B 205 -21.05 10.67 21.41
C LEU B 205 -22.03 11.79 21.64
N VAL B 206 -21.88 12.51 22.76
CA VAL B 206 -22.80 13.60 23.07
C VAL B 206 -22.67 14.70 22.02
N ASN B 207 -21.41 15.13 21.76
CA ASN B 207 -21.08 16.15 20.78
C ASN B 207 -21.55 15.78 19.39
N ALA B 208 -21.42 14.51 18.99
CA ALA B 208 -21.88 14.04 17.69
C ALA B 208 -23.41 14.14 17.60
N TRP B 209 -24.13 13.70 18.64
CA TRP B 209 -25.58 13.72 18.75
C TRP B 209 -26.10 15.17 18.69
N LYS B 210 -25.38 16.07 19.40
CA LYS B 210 -25.71 17.48 19.44
C LYS B 210 -25.46 18.13 18.09
N ALA B 211 -24.35 17.74 17.42
CA ALA B 211 -23.94 18.21 16.09
C ALA B 211 -24.97 17.99 14.99
N LYS B 212 -25.89 17.00 15.12
CA LYS B 212 -26.92 16.76 14.10
C LYS B 212 -28.12 17.65 14.37
N LYS B 213 -28.74 18.20 13.28
CA LYS B 213 -29.95 19.05 13.38
C LYS B 213 -31.05 18.22 14.02
N CYS B 214 -31.39 17.08 13.40
CA CYS B 214 -32.35 16.13 13.89
C CYS B 214 -31.66 14.74 13.92
N PRO B 215 -31.06 14.38 15.10
CA PRO B 215 -30.27 13.14 15.17
C PRO B 215 -31.03 11.84 15.26
N MET B 216 -30.43 10.84 14.65
CA MET B 216 -30.84 9.44 14.67
C MET B 216 -29.57 8.55 14.85
N GLY B 217 -29.72 7.52 15.65
CA GLY B 217 -28.61 6.62 15.89
C GLY B 217 -29.02 5.18 16.04
N PHE B 218 -28.06 4.29 15.84
CA PHE B 218 -28.30 2.86 16.01
C PHE B 218 -26.99 2.14 16.34
N ALA B 219 -27.12 0.96 16.95
CA ALA B 219 -26.00 0.08 17.25
C ALA B 219 -26.12 -1.14 16.36
N TYR B 220 -25.04 -1.52 15.71
CA TYR B 220 -25.07 -2.71 14.86
C TYR B 220 -24.27 -3.84 15.49
N ASP B 221 -24.95 -4.98 15.80
CA ASP B 221 -24.32 -6.16 16.38
C ASP B 221 -24.22 -7.27 15.33
N THR B 222 -23.01 -7.80 15.16
CA THR B 222 -22.73 -8.89 14.23
C THR B 222 -22.84 -10.24 14.95
N ARG B 223 -23.43 -11.22 14.25
CA ARG B 223 -23.57 -12.57 14.75
C ARG B 223 -22.20 -13.25 14.50
N CYS B 224 -21.47 -13.66 15.58
CA CYS B 224 -20.14 -14.33 15.57
C CYS B 224 -19.17 -13.63 14.64
N PHE B 225 -18.90 -12.33 14.89
CA PHE B 225 -18.04 -11.53 14.03
C PHE B 225 -16.77 -12.28 13.58
N ASP B 226 -15.99 -12.84 14.53
CA ASP B 226 -14.75 -13.56 14.21
C ASP B 226 -14.93 -14.62 13.11
N SER B 227 -16.09 -15.29 13.09
CA SER B 227 -16.39 -16.31 12.10
C SER B 227 -16.79 -15.76 10.75
N THR B 228 -17.47 -14.60 10.73
CA THR B 228 -17.88 -13.92 9.49
C THR B 228 -16.65 -13.36 8.73
N VAL B 229 -15.49 -13.24 9.42
CA VAL B 229 -14.24 -12.71 8.88
C VAL B 229 -13.66 -13.76 7.94
N THR B 230 -13.58 -13.39 6.67
CA THR B 230 -13.09 -14.28 5.62
C THR B 230 -11.57 -14.18 5.47
N GLU B 231 -10.99 -15.08 4.67
CA GLU B 231 -9.53 -15.07 4.39
C GLU B 231 -9.17 -13.84 3.55
N ASN B 232 -10.14 -13.37 2.75
CA ASN B 232 -9.95 -12.20 1.91
C ASN B 232 -9.94 -11.00 2.82
N ASP B 233 -10.89 -10.98 3.80
CA ASP B 233 -10.97 -9.93 4.82
C ASP B 233 -9.58 -9.76 5.45
N ILE B 234 -8.94 -10.93 5.82
CA ILE B 234 -7.62 -10.96 6.43
C ILE B 234 -6.54 -10.48 5.43
N ARG B 235 -6.63 -10.86 4.14
CA ARG B 235 -5.70 -10.39 3.10
C ARG B 235 -5.79 -8.82 2.87
N VAL B 236 -7.04 -8.27 2.91
CA VAL B 236 -7.32 -6.83 2.81
C VAL B 236 -6.67 -6.08 4.00
N GLU B 237 -6.79 -6.63 5.20
CA GLU B 237 -6.21 -6.09 6.42
C GLU B 237 -4.67 -5.99 6.27
N GLU B 238 -4.02 -7.08 5.75
CA GLU B 238 -2.57 -7.07 5.49
C GLU B 238 -2.27 -6.01 4.44
N SER B 239 -3.17 -5.88 3.43
CA SER B 239 -2.96 -4.90 2.39
C SER B 239 -2.88 -3.48 2.95
N ILE B 240 -3.55 -3.23 4.08
CA ILE B 240 -3.53 -1.96 4.78
C ILE B 240 -2.19 -1.81 5.57
N TYR B 241 -1.79 -2.86 6.34
CA TYR B 241 -0.53 -2.86 7.09
C TYR B 241 0.67 -2.64 6.12
N GLN B 242 0.57 -3.18 4.86
CA GLN B 242 1.59 -3.10 3.82
C GLN B 242 1.75 -1.68 3.25
N CYS B 243 0.84 -0.76 3.61
CA CYS B 243 1.00 0.64 3.20
C CYS B 243 1.98 1.38 4.11
N CYS B 244 2.34 0.81 5.29
CA CYS B 244 3.27 1.45 6.22
C CYS B 244 4.67 1.48 5.67
N ASP B 245 5.53 2.30 6.28
CA ASP B 245 6.93 2.26 5.94
C ASP B 245 7.44 1.18 6.91
N LEU B 246 7.83 0.03 6.38
CA LEU B 246 8.25 -1.10 7.20
C LEU B 246 9.64 -1.55 6.81
N ALA B 247 10.41 -2.09 7.79
CA ALA B 247 11.71 -2.66 7.52
C ALA B 247 11.48 -3.94 6.70
N PRO B 248 12.37 -4.32 5.77
CA PRO B 248 12.10 -5.53 4.97
C PRO B 248 11.75 -6.77 5.80
N GLU B 249 12.39 -6.94 6.97
CA GLU B 249 12.13 -8.05 7.91
C GLU B 249 10.70 -7.94 8.49
N ALA B 250 10.27 -6.70 8.85
CA ALA B 250 8.91 -6.45 9.34
C ALA B 250 7.93 -6.81 8.22
N ARG B 251 8.23 -6.34 6.99
CA ARG B 251 7.42 -6.57 5.80
C ARG B 251 7.21 -8.04 5.56
N GLN B 252 8.32 -8.86 5.65
CA GLN B 252 8.29 -10.30 5.45
C GLN B 252 7.52 -10.96 6.54
N ALA B 253 7.82 -10.59 7.81
CA ALA B 253 7.13 -11.19 8.95
C ALA B 253 5.64 -11.04 8.79
N ILE B 254 5.15 -9.82 8.48
CA ILE B 254 3.73 -9.58 8.24
C ILE B 254 3.19 -10.50 7.12
N ARG B 255 3.93 -10.60 6.00
CA ARG B 255 3.51 -11.45 4.89
C ARG B 255 3.34 -12.92 5.32
N SER B 256 4.39 -13.45 5.99
CA SER B 256 4.45 -14.82 6.50
C SER B 256 3.39 -15.08 7.58
N LEU B 257 3.23 -14.17 8.54
CA LEU B 257 2.22 -14.25 9.60
C LEU B 257 0.79 -14.24 9.04
N THR B 258 0.54 -13.47 7.99
CA THR B 258 -0.78 -13.42 7.37
C THR B 258 -1.09 -14.75 6.74
N GLU B 259 -0.12 -15.28 5.96
CA GLU B 259 -0.27 -16.56 5.27
C GLU B 259 -0.31 -17.78 6.15
N ARG B 260 0.56 -17.82 7.14
CA ARG B 260 0.75 -18.97 8.02
C ARG B 260 -0.06 -18.95 9.31
N LEU B 261 -0.52 -17.77 9.76
CA LEU B 261 -1.25 -17.70 11.03
C LEU B 261 -2.62 -17.05 10.94
N TYR B 262 -2.67 -15.77 10.58
CA TYR B 262 -3.86 -14.92 10.50
C TYR B 262 -4.98 -15.42 9.58
N ILE B 263 -4.69 -15.83 8.30
CA ILE B 263 -5.76 -16.33 7.40
C ILE B 263 -6.37 -17.66 7.89
N GLY B 264 -5.66 -18.38 8.73
CA GLY B 264 -6.14 -19.67 9.21
C GLY B 264 -5.05 -20.67 9.50
N GLY B 265 -5.45 -21.92 9.64
CA GLY B 265 -4.50 -22.95 10.01
C GLY B 265 -5.10 -24.02 10.90
N PRO B 266 -4.27 -25.03 11.29
CA PRO B 266 -4.78 -26.12 12.09
C PRO B 266 -5.03 -25.76 13.54
N LEU B 267 -6.04 -26.43 14.11
CA LEU B 267 -6.46 -26.31 15.49
C LEU B 267 -6.04 -27.53 16.28
N THR B 268 -5.47 -27.30 17.46
CA THR B 268 -4.99 -28.35 18.34
C THR B 268 -5.59 -28.17 19.72
N ASN B 269 -6.14 -29.25 20.31
CA ASN B 269 -6.68 -29.17 21.66
C ASN B 269 -5.55 -29.18 22.71
N SER B 270 -5.91 -28.86 23.98
CA SER B 270 -5.01 -28.83 25.14
C SER B 270 -4.19 -30.14 25.31
N LYS B 271 -4.78 -31.27 24.89
CA LYS B 271 -4.18 -32.60 24.92
C LYS B 271 -3.37 -32.95 23.65
N GLY B 272 -2.83 -31.95 22.95
CA GLY B 272 -2.02 -32.13 21.75
C GLY B 272 -2.68 -32.76 20.51
N GLN B 273 -3.98 -33.07 20.57
CA GLN B 273 -4.71 -33.67 19.47
C GLN B 273 -5.22 -32.67 18.44
N ASN B 274 -5.20 -33.08 17.17
CA ASN B 274 -5.67 -32.27 16.06
C ASN B 274 -7.21 -32.20 16.04
N CYS B 275 -7.77 -30.98 16.28
CA CYS B 275 -9.21 -30.66 16.35
C CYS B 275 -9.86 -30.38 15.01
N GLY B 276 -9.11 -29.74 14.14
CA GLY B 276 -9.64 -29.31 12.87
C GLY B 276 -8.87 -28.17 12.23
N TYR B 277 -9.61 -27.30 11.55
CA TYR B 277 -8.99 -26.21 10.81
C TYR B 277 -9.82 -24.95 10.86
N ARG B 278 -9.15 -23.79 10.84
CA ARG B 278 -9.80 -22.49 10.88
C ARG B 278 -9.54 -21.73 9.57
N ARG B 279 -10.59 -21.03 9.09
CA ARG B 279 -10.54 -20.19 7.89
C ARG B 279 -11.12 -18.81 8.18
N CYS B 280 -11.18 -18.47 9.47
CA CYS B 280 -11.68 -17.20 9.95
C CYS B 280 -10.71 -16.56 10.95
N ARG B 281 -11.13 -15.46 11.61
CA ARG B 281 -10.35 -14.74 12.60
C ARG B 281 -10.00 -15.61 13.83
N ALA B 282 -8.71 -15.58 14.27
CA ALA B 282 -8.22 -16.21 15.51
C ALA B 282 -8.40 -15.16 16.59
N SER B 283 -9.11 -15.56 17.66
CA SER B 283 -9.44 -14.69 18.78
C SER B 283 -8.23 -14.25 19.60
N GLY B 284 -7.18 -15.06 19.66
CA GLY B 284 -6.02 -14.76 20.48
C GLY B 284 -4.74 -14.49 19.75
N VAL B 285 -4.75 -13.48 18.86
CA VAL B 285 -3.56 -13.00 18.11
C VAL B 285 -3.45 -11.48 18.29
N LEU B 286 -2.26 -10.91 18.06
CA LEU B 286 -2.04 -9.48 18.27
C LEU B 286 -2.94 -8.60 17.40
N THR B 287 -3.22 -9.06 16.16
CA THR B 287 -4.02 -8.35 15.18
C THR B 287 -5.56 -8.50 15.40
N THR B 288 -6.04 -9.33 16.35
CA THR B 288 -7.48 -9.51 16.55
C THR B 288 -8.27 -8.18 16.73
N SER B 289 -7.93 -7.35 17.75
CA SER B 289 -8.66 -6.09 17.95
C SER B 289 -8.59 -5.17 16.74
N CYS B 290 -7.35 -4.76 16.37
CA CYS B 290 -6.95 -3.89 15.24
C CYS B 290 -7.65 -4.32 13.96
N GLY B 291 -7.42 -5.58 13.58
CA GLY B 291 -7.97 -6.23 12.41
C GLY B 291 -9.48 -6.24 12.43
N ASN B 292 -10.08 -6.60 13.57
CA ASN B 292 -11.53 -6.58 13.67
C ASN B 292 -12.08 -5.18 13.53
N THR B 293 -11.41 -4.18 14.15
CA THR B 293 -11.83 -2.76 14.11
C THR B 293 -11.76 -2.25 12.70
N LEU B 294 -10.61 -2.50 12.03
CA LEU B 294 -10.40 -2.11 10.63
C LEU B 294 -11.48 -2.72 9.73
N THR B 295 -11.69 -4.05 9.82
CA THR B 295 -12.68 -4.81 9.04
C THR B 295 -14.08 -4.30 9.22
N CYS B 296 -14.51 -4.12 10.49
CA CYS B 296 -15.84 -3.66 10.83
C CYS B 296 -16.04 -2.26 10.26
N TYR B 297 -15.06 -1.37 10.51
CA TYR B 297 -15.09 0.00 10.02
C TYR B 297 -15.20 0.03 8.51
N LEU B 298 -14.35 -0.74 7.79
CA LEU B 298 -14.35 -0.82 6.34
C LEU B 298 -15.77 -1.16 5.83
N LYS B 299 -16.33 -2.30 6.29
CA LYS B 299 -17.63 -2.80 5.90
C LYS B 299 -18.73 -1.81 6.19
N ALA B 300 -18.74 -1.24 7.43
CA ALA B 300 -19.74 -0.26 7.89
C ALA B 300 -19.67 1.03 7.09
N ALA B 301 -18.47 1.57 6.86
CA ALA B 301 -18.30 2.81 6.11
C ALA B 301 -18.90 2.64 4.69
N ALA B 302 -18.67 1.45 4.09
CA ALA B 302 -19.15 1.04 2.77
C ALA B 302 -20.68 0.87 2.80
N ALA B 303 -21.21 0.19 3.83
CA ALA B 303 -22.64 -0.02 4.00
C ALA B 303 -23.40 1.31 4.18
N CYS B 304 -22.79 2.30 4.88
CA CYS B 304 -23.38 3.63 5.08
C CYS B 304 -23.68 4.26 3.75
N ARG B 305 -22.75 4.10 2.79
CA ARG B 305 -22.82 4.61 1.43
C ARG B 305 -23.86 3.93 0.61
N ALA B 306 -23.99 2.62 0.79
CA ALA B 306 -24.97 1.78 0.10
C ALA B 306 -26.39 2.17 0.50
N ALA B 307 -26.59 2.52 1.78
CA ALA B 307 -27.87 2.89 2.39
C ALA B 307 -28.15 4.39 2.29
N LYS B 308 -27.20 5.16 1.75
CA LYS B 308 -27.28 6.62 1.60
C LYS B 308 -27.68 7.33 2.93
N LEU B 309 -26.99 6.99 4.03
CA LEU B 309 -27.14 7.58 5.37
C LEU B 309 -26.48 8.95 5.30
N GLN B 310 -27.12 9.98 5.85
CA GLN B 310 -26.54 11.32 5.77
C GLN B 310 -25.85 11.76 7.05
N ASP B 311 -24.68 12.41 6.87
CA ASP B 311 -23.78 12.94 7.89
C ASP B 311 -23.50 11.93 9.03
N CYS B 312 -23.00 10.73 8.63
CA CYS B 312 -22.61 9.66 9.55
C CYS B 312 -21.47 9.99 10.43
N THR B 313 -21.55 9.48 11.62
CA THR B 313 -20.54 9.49 12.65
C THR B 313 -20.53 8.05 13.11
N MET B 314 -19.36 7.44 13.10
CA MET B 314 -19.24 6.05 13.51
C MET B 314 -18.35 6.00 14.71
N LEU B 315 -18.49 4.95 15.51
CA LEU B 315 -17.64 4.66 16.65
C LEU B 315 -17.46 3.17 16.65
N VAL B 316 -16.22 2.72 16.44
CA VAL B 316 -15.93 1.29 16.32
C VAL B 316 -15.00 0.79 17.40
N CYS B 317 -15.42 -0.26 18.14
CA CYS B 317 -14.65 -0.99 19.14
C CYS B 317 -14.67 -2.44 18.69
N GLY B 318 -13.64 -2.87 17.99
CA GLY B 318 -13.60 -4.21 17.46
C GLY B 318 -14.84 -4.48 16.63
N ASP B 319 -15.63 -5.47 17.04
CA ASP B 319 -16.85 -5.86 16.34
C ASP B 319 -18.04 -4.92 16.66
N ASP B 320 -17.97 -4.18 17.78
CA ASP B 320 -19.03 -3.27 18.21
C ASP B 320 -19.00 -2.00 17.40
N LEU B 321 -20.19 -1.62 16.88
CA LEU B 321 -20.39 -0.43 16.05
C LEU B 321 -21.62 0.43 16.43
N VAL B 322 -21.43 1.74 16.47
CA VAL B 322 -22.52 2.69 16.66
C VAL B 322 -22.45 3.75 15.57
N VAL B 323 -23.61 4.05 14.97
CA VAL B 323 -23.72 5.07 13.93
C VAL B 323 -24.70 6.18 14.41
N ILE B 324 -24.24 7.42 14.38
CA ILE B 324 -25.07 8.59 14.70
C ILE B 324 -25.07 9.41 13.42
N CYS B 325 -26.26 9.58 12.85
CA CYS B 325 -26.44 10.23 11.59
C CYS B 325 -27.61 11.20 11.62
N GLU B 326 -27.86 11.88 10.47
CA GLU B 326 -28.97 12.83 10.32
C GLU B 326 -30.21 12.07 9.86
N SER B 327 -31.33 12.21 10.60
CA SER B 327 -32.59 11.56 10.27
C SER B 327 -33.18 12.19 9.03
N ALA B 328 -33.81 11.36 8.22
CA ALA B 328 -34.47 11.71 6.98
C ALA B 328 -35.95 11.29 7.05
N GLY B 329 -36.45 11.13 8.27
CA GLY B 329 -37.83 10.74 8.48
C GLY B 329 -37.97 9.28 8.82
N THR B 330 -38.86 9.00 9.75
CA THR B 330 -39.19 7.70 10.30
C THR B 330 -39.11 6.55 9.28
N GLN B 331 -39.92 6.68 8.23
CA GLN B 331 -40.03 5.66 7.20
C GLN B 331 -38.71 5.50 6.47
N GLU B 332 -38.08 6.62 6.08
CA GLU B 332 -36.80 6.63 5.40
C GLU B 332 -35.71 5.97 6.25
N ASP B 333 -35.62 6.39 7.55
CA ASP B 333 -34.63 5.90 8.52
C ASP B 333 -34.71 4.40 8.69
N GLU B 334 -35.94 3.85 8.76
CA GLU B 334 -36.16 2.43 8.92
C GLU B 334 -35.70 1.70 7.68
N ALA B 335 -35.94 2.33 6.50
CA ALA B 335 -35.61 1.79 5.19
C ALA B 335 -34.11 1.71 4.99
N SER B 336 -33.41 2.83 5.27
CA SER B 336 -31.95 2.92 5.17
C SER B 336 -31.23 1.97 6.12
N LEU B 337 -31.79 1.73 7.31
CA LEU B 337 -31.24 0.76 8.25
C LEU B 337 -31.31 -0.65 7.65
N ARG B 338 -32.42 -0.98 6.95
CA ARG B 338 -32.53 -2.30 6.33
C ARG B 338 -31.51 -2.40 5.18
N ALA B 339 -31.31 -1.30 4.45
CA ALA B 339 -30.37 -1.20 3.35
C ALA B 339 -28.94 -1.49 3.83
N PHE B 340 -28.56 -0.83 4.98
CA PHE B 340 -27.28 -0.95 5.67
C PHE B 340 -27.05 -2.44 6.02
N THR B 341 -28.06 -3.08 6.65
CA THR B 341 -28.03 -4.48 7.05
C THR B 341 -27.81 -5.40 5.86
N GLU B 342 -28.49 -5.13 4.73
CA GLU B 342 -28.36 -5.92 3.50
C GLU B 342 -26.93 -5.84 2.96
N ALA B 343 -26.34 -4.62 2.93
CA ALA B 343 -24.95 -4.41 2.50
C ALA B 343 -23.99 -5.13 3.45
N MET B 344 -24.10 -4.90 4.78
CA MET B 344 -23.26 -5.56 5.79
C MET B 344 -23.31 -7.06 5.60
N THR B 345 -24.51 -7.59 5.33
CA THR B 345 -24.73 -9.01 5.08
C THR B 345 -23.99 -9.47 3.82
N ARG B 346 -24.09 -8.70 2.71
CA ARG B 346 -23.36 -9.04 1.49
C ARG B 346 -21.84 -9.08 1.71
N TYR B 347 -21.32 -8.20 2.57
CA TYR B 347 -19.91 -8.10 2.92
C TYR B 347 -19.50 -9.20 3.90
N SER B 348 -20.45 -10.07 4.33
CA SER B 348 -20.27 -11.18 5.26
C SER B 348 -20.15 -10.66 6.68
N ALA B 349 -21.14 -9.88 7.10
CA ALA B 349 -21.21 -9.30 8.45
C ALA B 349 -22.71 -9.20 8.78
N PRO B 350 -23.45 -10.35 8.85
CA PRO B 350 -24.89 -10.28 9.11
C PRO B 350 -25.16 -9.93 10.56
N PRO B 351 -26.35 -9.42 10.92
CA PRO B 351 -26.57 -9.04 12.32
C PRO B 351 -27.07 -10.16 13.24
N GLY B 352 -26.88 -9.96 14.54
CA GLY B 352 -27.42 -10.84 15.57
C GLY B 352 -28.90 -10.49 15.62
N ASP B 353 -29.21 -9.40 16.36
CA ASP B 353 -30.55 -8.83 16.41
C ASP B 353 -30.52 -7.68 15.39
N PRO B 354 -31.54 -7.54 14.51
CA PRO B 354 -31.49 -6.47 13.50
C PRO B 354 -31.54 -5.09 14.15
N PRO B 355 -30.81 -4.11 13.57
CA PRO B 355 -30.74 -2.77 14.19
C PRO B 355 -32.03 -1.96 14.12
N LYS B 356 -32.26 -1.17 15.17
CA LYS B 356 -33.43 -0.31 15.30
C LYS B 356 -32.97 1.14 15.40
N PRO B 357 -33.62 2.08 14.69
CA PRO B 357 -33.25 3.49 14.83
C PRO B 357 -33.79 4.08 16.13
N GLU B 358 -32.94 4.82 16.82
CA GLU B 358 -33.26 5.48 18.09
C GLU B 358 -33.21 6.97 17.92
N TYR B 359 -34.07 7.71 18.65
CA TYR B 359 -34.05 9.17 18.53
C TYR B 359 -33.71 9.85 19.86
N ASP B 360 -33.16 9.06 20.77
CA ASP B 360 -32.69 9.46 22.09
C ASP B 360 -31.39 8.66 22.32
N LEU B 361 -30.26 9.36 22.59
CA LEU B 361 -28.91 8.80 22.79
C LEU B 361 -28.89 7.78 23.94
N GLU B 362 -29.69 8.06 24.99
CA GLU B 362 -29.83 7.18 26.15
C GLU B 362 -30.35 5.83 25.71
N LEU B 363 -31.13 5.81 24.64
CA LEU B 363 -31.75 4.60 24.15
C LEU B 363 -30.84 3.70 23.31
N ILE B 364 -29.66 4.17 22.91
CA ILE B 364 -28.70 3.35 22.13
C ILE B 364 -27.85 2.55 23.09
N THR B 365 -27.81 1.21 22.92
CA THR B 365 -27.01 0.30 23.75
C THR B 365 -25.93 -0.33 22.92
N SER B 366 -24.67 -0.16 23.29
CA SER B 366 -23.50 -0.77 22.64
C SER B 366 -22.44 -1.08 23.69
N CYS B 367 -21.81 -2.26 23.61
CA CYS B 367 -20.83 -2.81 24.57
C CYS B 367 -21.55 -2.99 25.89
N SER B 368 -22.87 -3.31 25.82
CA SER B 368 -23.83 -3.46 26.94
C SER B 368 -24.09 -2.15 27.69
N SER B 369 -23.31 -1.11 27.39
CA SER B 369 -23.42 0.23 27.97
C SER B 369 -24.47 1.10 27.31
N ASN B 370 -24.89 2.13 28.01
CA ASN B 370 -25.81 3.14 27.51
C ASN B 370 -25.49 4.45 28.21
N VAL B 371 -25.71 5.58 27.51
CA VAL B 371 -25.46 6.90 28.08
C VAL B 371 -26.59 7.22 29.06
N SER B 372 -26.25 7.85 30.17
CA SER B 372 -27.23 8.32 31.13
C SER B 372 -26.70 9.65 31.67
N VAL B 373 -27.57 10.37 32.40
CA VAL B 373 -27.27 11.68 32.99
C VAL B 373 -27.50 11.69 34.54
N ALA B 374 -26.65 12.44 35.25
CA ALA B 374 -26.62 12.70 36.68
C ALA B 374 -26.12 14.14 36.77
N HIS B 375 -25.96 14.71 37.97
CA HIS B 375 -25.51 16.11 38.06
C HIS B 375 -24.26 16.22 38.85
N ASP B 376 -23.38 17.17 38.49
CA ASP B 376 -22.09 17.34 39.20
C ASP B 376 -22.28 18.10 40.53
N ALA B 377 -21.18 18.45 41.21
CA ALA B 377 -21.26 19.18 42.48
C ALA B 377 -21.88 20.59 42.37
N SER B 378 -21.89 21.18 41.17
CA SER B 378 -22.46 22.50 40.91
C SER B 378 -23.85 22.45 40.29
N GLY B 379 -24.41 21.26 40.08
CA GLY B 379 -25.76 21.13 39.54
C GLY B 379 -25.85 20.89 38.06
N LYS B 380 -24.71 21.02 37.34
CA LYS B 380 -24.63 20.80 35.90
C LYS B 380 -24.91 19.31 35.50
N ARG B 381 -25.68 19.12 34.38
CA ARG B 381 -26.02 17.83 33.76
C ARG B 381 -24.74 17.21 33.26
N VAL B 382 -24.50 15.94 33.63
CA VAL B 382 -23.31 15.19 33.24
C VAL B 382 -23.75 13.87 32.64
N TYR B 383 -23.15 13.52 31.49
CA TYR B 383 -23.41 12.24 30.84
C TYR B 383 -22.30 11.27 31.22
N TYR B 384 -22.67 10.01 31.48
CA TYR B 384 -21.73 8.94 31.83
C TYR B 384 -22.23 7.65 31.19
N LEU B 385 -21.34 6.62 31.13
CA LEU B 385 -21.77 5.31 30.64
C LEU B 385 -22.21 4.42 31.76
N THR B 386 -23.32 3.74 31.57
CA THR B 386 -23.86 2.79 32.55
C THR B 386 -24.28 1.51 31.83
N ARG B 387 -24.84 0.55 32.55
CA ARG B 387 -25.35 -0.72 32.02
C ARG B 387 -26.28 -1.36 33.05
N ASP B 388 -26.95 -2.47 32.69
CA ASP B 388 -27.79 -3.16 33.67
C ASP B 388 -26.79 -3.86 34.63
N PRO B 389 -26.99 -3.79 35.98
CA PRO B 389 -25.96 -4.32 36.89
C PRO B 389 -26.00 -5.82 37.17
N THR B 390 -27.01 -6.53 36.69
CA THR B 390 -27.20 -7.95 36.94
C THR B 390 -25.95 -8.78 36.67
N THR B 391 -25.32 -8.65 35.52
CA THR B 391 -24.13 -9.48 35.27
C THR B 391 -22.94 -8.98 36.13
N PRO B 392 -22.60 -7.65 36.21
CA PRO B 392 -21.47 -7.24 37.07
C PRO B 392 -21.63 -7.67 38.54
N LEU B 393 -22.87 -7.58 39.11
CA LEU B 393 -23.17 -7.96 40.48
C LEU B 393 -23.10 -9.48 40.71
N ALA B 394 -23.62 -10.31 39.76
CA ALA B 394 -23.58 -11.78 39.87
C ALA B 394 -22.16 -12.28 39.79
N ARG B 395 -21.36 -11.73 38.85
CA ARG B 395 -19.94 -12.10 38.72
C ARG B 395 -19.19 -11.70 40.02
N ALA B 396 -19.60 -10.54 40.62
CA ALA B 396 -19.06 -10.02 41.87
C ALA B 396 -19.37 -11.02 42.94
N ALA B 397 -20.64 -11.45 43.06
CA ALA B 397 -21.08 -12.45 44.05
C ALA B 397 -20.28 -13.75 43.90
N TRP B 398 -20.03 -14.21 42.66
CA TRP B 398 -19.23 -15.40 42.38
C TRP B 398 -17.80 -15.23 42.87
N GLU B 399 -17.22 -14.07 42.63
CA GLU B 399 -15.86 -13.74 43.02
C GLU B 399 -15.66 -13.65 44.55
N THR B 400 -16.62 -13.07 45.32
CA THR B 400 -16.47 -13.04 46.78
C THR B 400 -16.48 -14.46 47.34
N ALA B 401 -17.32 -15.35 46.73
CA ALA B 401 -17.48 -16.76 47.09
C ALA B 401 -16.27 -17.64 46.83
N ARG B 402 -15.75 -17.64 45.60
CA ARG B 402 -14.62 -18.48 45.19
C ARG B 402 -13.45 -17.59 44.75
N HIS B 403 -12.23 -17.80 45.32
CA HIS B 403 -11.08 -16.94 44.96
C HIS B 403 -10.67 -17.10 43.48
N THR B 404 -11.20 -16.22 42.63
CA THR B 404 -10.89 -16.19 41.19
C THR B 404 -9.55 -15.49 40.98
N PRO B 405 -8.74 -15.93 40.01
CA PRO B 405 -7.45 -15.24 39.78
C PRO B 405 -7.68 -13.83 39.22
N VAL B 406 -8.43 -13.75 38.12
CA VAL B 406 -8.75 -12.51 37.44
C VAL B 406 -10.21 -12.14 37.81
N ASN B 407 -10.35 -10.96 38.41
CA ASN B 407 -11.64 -10.50 38.88
C ASN B 407 -12.26 -9.49 37.92
N SER B 408 -13.58 -9.39 37.96
CA SER B 408 -14.37 -8.50 37.15
C SER B 408 -14.78 -7.27 37.93
N TRP B 409 -14.92 -7.42 39.26
CA TRP B 409 -15.37 -6.35 40.14
C TRP B 409 -14.51 -5.12 40.04
N LEU B 410 -13.20 -5.29 39.92
CA LEU B 410 -12.30 -4.15 39.88
C LEU B 410 -12.33 -3.46 38.52
N GLY B 411 -12.55 -4.23 37.46
CA GLY B 411 -12.66 -3.71 36.11
C GLY B 411 -13.91 -2.85 35.96
N ASN B 412 -15.06 -3.38 36.48
CA ASN B 412 -16.35 -2.69 36.52
C ASN B 412 -16.28 -1.46 37.39
N ILE B 413 -15.49 -1.48 38.47
CA ILE B 413 -15.34 -0.30 39.32
C ILE B 413 -14.68 0.75 38.45
N ILE B 414 -13.59 0.39 37.75
CA ILE B 414 -12.84 1.30 36.90
C ILE B 414 -13.70 1.85 35.77
N MET B 415 -14.32 0.94 35.00
CA MET B 415 -15.13 1.28 33.85
C MET B 415 -16.39 2.03 34.19
N TYR B 416 -17.08 1.62 35.27
CA TYR B 416 -18.33 2.24 35.68
C TYR B 416 -18.26 3.07 36.95
N ALA B 417 -17.07 3.61 37.24
CA ALA B 417 -16.80 4.48 38.36
C ALA B 417 -17.91 5.51 38.60
N PRO B 418 -18.46 6.26 37.60
CA PRO B 418 -19.49 7.26 37.92
C PRO B 418 -20.87 6.66 38.20
N THR B 419 -21.10 5.37 37.85
CA THR B 419 -22.41 4.78 38.07
C THR B 419 -22.79 4.67 39.53
N LEU B 420 -24.10 4.72 39.79
CA LEU B 420 -24.72 4.60 41.11
C LEU B 420 -24.35 3.28 41.77
N TRP B 421 -24.49 2.16 41.03
CA TRP B 421 -24.23 0.80 41.50
C TRP B 421 -22.76 0.54 41.81
N ALA B 422 -21.86 0.94 40.93
CA ALA B 422 -20.44 0.71 41.19
C ALA B 422 -19.98 1.45 42.46
N ARG B 423 -20.40 2.71 42.63
CA ARG B 423 -20.06 3.54 43.81
C ARG B 423 -20.71 3.01 45.10
N MET B 424 -22.01 2.81 45.06
CA MET B 424 -22.72 2.43 46.25
C MET B 424 -22.59 0.95 46.62
N ILE B 425 -22.45 0.03 45.64
CA ILE B 425 -22.37 -1.37 46.02
C ILE B 425 -20.96 -1.90 45.85
N LEU B 426 -20.47 -1.97 44.62
CA LEU B 426 -19.15 -2.54 44.36
C LEU B 426 -18.04 -1.94 45.22
N MET B 427 -17.88 -0.61 45.20
CA MET B 427 -16.85 0.07 45.98
C MET B 427 -17.02 -0.15 47.47
N THR B 428 -18.27 -0.15 47.96
CA THR B 428 -18.57 -0.33 49.37
C THR B 428 -18.27 -1.76 49.84
N HIS B 429 -18.73 -2.75 49.09
CA HIS B 429 -18.58 -4.15 49.44
C HIS B 429 -17.11 -4.59 49.42
N PHE B 430 -16.42 -4.28 48.33
CA PHE B 430 -15.04 -4.72 48.18
C PHE B 430 -14.07 -3.89 48.98
N PHE B 431 -14.39 -2.62 49.28
CA PHE B 431 -13.46 -1.91 50.14
C PHE B 431 -13.52 -2.43 51.58
N SER B 432 -14.70 -2.85 52.08
CA SER B 432 -14.80 -3.42 53.43
C SER B 432 -14.07 -4.77 53.52
N ILE B 433 -14.07 -5.57 52.44
CA ILE B 433 -13.39 -6.87 52.36
C ILE B 433 -11.87 -6.69 52.41
N LEU B 434 -11.32 -5.71 51.67
CA LEU B 434 -9.86 -5.43 51.67
C LEU B 434 -9.42 -4.88 53.03
N LEU B 435 -10.33 -4.20 53.75
CA LEU B 435 -10.06 -3.66 55.06
C LEU B 435 -9.91 -4.83 56.02
N ALA B 436 -10.90 -5.75 55.98
CA ALA B 436 -10.92 -6.98 56.75
C ALA B 436 -9.65 -7.79 56.50
N GLN B 437 -9.36 -8.14 55.25
CA GLN B 437 -8.17 -8.92 54.91
C GLN B 437 -6.84 -8.15 54.91
N GLU B 438 -6.83 -6.87 55.37
CA GLU B 438 -5.65 -5.99 55.40
C GLU B 438 -4.85 -6.08 54.08
N GLN B 439 -5.55 -5.92 52.92
CA GLN B 439 -4.97 -6.08 51.58
C GLN B 439 -5.23 -4.92 50.57
N LEU B 440 -5.36 -3.70 51.09
CA LEU B 440 -5.58 -2.52 50.25
C LEU B 440 -4.38 -2.23 49.35
N GLU B 441 -3.19 -2.50 49.87
CA GLU B 441 -1.88 -2.27 49.25
C GLU B 441 -1.45 -3.37 48.25
N LYS B 442 -2.09 -4.56 48.31
CA LYS B 442 -1.81 -5.69 47.40
C LYS B 442 -2.40 -5.44 46.01
N ALA B 443 -1.56 -5.56 44.96
CA ALA B 443 -2.01 -5.40 43.57
C ALA B 443 -2.84 -6.59 43.10
N LEU B 444 -3.90 -6.27 42.36
CA LEU B 444 -4.84 -7.25 41.85
C LEU B 444 -4.84 -7.29 40.35
N ASP B 445 -5.04 -8.50 39.82
CA ASP B 445 -5.10 -8.70 38.39
C ASP B 445 -6.55 -8.79 37.98
N CYS B 446 -6.95 -7.95 37.00
CA CYS B 446 -8.35 -7.92 36.55
C CYS B 446 -8.51 -7.79 35.00
N GLN B 447 -9.63 -8.39 34.50
CA GLN B 447 -10.04 -8.40 33.09
C GLN B 447 -10.95 -7.21 32.87
N ILE B 448 -10.51 -6.29 31.99
CA ILE B 448 -11.26 -5.09 31.67
C ILE B 448 -11.60 -5.14 30.19
N TYR B 449 -12.71 -5.84 29.87
CA TYR B 449 -13.23 -6.05 28.50
C TYR B 449 -12.11 -6.51 27.56
N GLY B 450 -11.56 -7.69 27.85
CA GLY B 450 -10.47 -8.27 27.09
C GLY B 450 -9.71 -9.33 27.87
N ALA B 451 -8.54 -9.04 28.53
CA ALA B 451 -7.65 -7.86 28.68
C ALA B 451 -7.18 -7.76 30.15
N CYS B 452 -5.91 -8.15 30.39
CA CYS B 452 -5.33 -8.12 31.72
C CYS B 452 -4.55 -6.85 32.02
N TYR B 453 -4.79 -6.31 33.23
CA TYR B 453 -4.20 -5.09 33.79
C TYR B 453 -3.94 -5.35 35.28
N SER B 454 -2.84 -4.79 35.84
CA SER B 454 -2.53 -4.93 37.27
C SER B 454 -2.60 -3.57 38.02
N ILE B 455 -3.60 -3.45 38.90
CA ILE B 455 -3.96 -2.25 39.66
C ILE B 455 -3.83 -2.50 41.17
N GLU B 456 -3.43 -1.45 41.92
CA GLU B 456 -3.47 -1.42 43.37
C GLU B 456 -4.78 -0.68 43.72
N PRO B 457 -5.70 -1.30 44.52
CA PRO B 457 -6.95 -0.61 44.89
C PRO B 457 -6.75 0.78 45.48
N LEU B 458 -5.57 1.03 46.09
CA LEU B 458 -5.25 2.33 46.67
C LEU B 458 -5.05 3.44 45.63
N ASP B 459 -4.83 3.04 44.38
CA ASP B 459 -4.65 3.97 43.27
C ASP B 459 -5.97 4.30 42.58
N LEU B 460 -7.08 3.63 42.98
CA LEU B 460 -8.38 3.85 42.36
C LEU B 460 -8.80 5.32 42.26
N PRO B 461 -8.63 6.22 43.25
CA PRO B 461 -9.06 7.63 43.03
C PRO B 461 -8.36 8.29 41.83
N GLN B 462 -7.03 8.18 41.79
CA GLN B 462 -6.18 8.72 40.75
C GLN B 462 -6.63 8.18 39.38
N ILE B 463 -6.73 6.83 39.26
CA ILE B 463 -7.19 6.16 38.05
C ILE B 463 -8.55 6.77 37.58
N ILE B 464 -9.56 6.76 38.50
CA ILE B 464 -10.90 7.27 38.24
C ILE B 464 -10.88 8.72 37.73
N GLN B 465 -10.16 9.63 38.43
CA GLN B 465 -10.06 11.03 38.02
C GLN B 465 -9.51 11.13 36.58
N ARG B 466 -8.56 10.24 36.21
CA ARG B 466 -8.02 10.31 34.85
C ARG B 466 -9.04 9.92 33.78
N LEU B 467 -9.62 8.72 33.90
CA LEU B 467 -10.59 8.16 32.96
C LEU B 467 -11.98 8.81 32.95
N HIS B 468 -12.40 9.50 34.06
CA HIS B 468 -13.75 10.07 34.20
C HIS B 468 -13.80 11.52 34.69
N GLY B 469 -12.74 11.95 35.38
CA GLY B 469 -12.69 13.30 35.94
C GLY B 469 -13.22 13.40 37.36
N LEU B 470 -12.99 14.56 38.00
CA LEU B 470 -13.40 14.83 39.38
C LEU B 470 -14.88 14.62 39.65
N SER B 471 -15.74 14.94 38.64
CA SER B 471 -17.19 14.82 38.76
C SER B 471 -17.63 13.40 39.19
N ALA B 472 -16.83 12.38 38.81
CA ALA B 472 -17.10 10.99 39.14
C ALA B 472 -17.29 10.76 40.63
N PHE B 473 -16.65 11.58 41.45
CA PHE B 473 -16.71 11.46 42.90
C PHE B 473 -17.81 12.32 43.50
N SER B 474 -18.52 13.08 42.67
CA SER B 474 -19.53 14.01 43.17
C SER B 474 -20.83 14.04 42.34
N LEU B 475 -21.07 12.97 41.54
CA LEU B 475 -22.35 12.83 40.81
C LEU B 475 -23.46 12.51 41.80
N HIS B 476 -24.63 13.06 41.54
CA HIS B 476 -25.83 12.83 42.35
C HIS B 476 -27.01 13.10 41.46
N SER B 477 -28.19 12.93 42.01
CA SER B 477 -29.44 13.20 41.36
C SER B 477 -29.46 12.52 40.00
N TYR B 478 -29.42 11.19 40.09
CA TYR B 478 -29.44 10.30 38.96
C TYR B 478 -30.85 10.24 38.36
N SER B 479 -30.94 9.82 37.09
CA SER B 479 -32.20 9.66 36.38
C SER B 479 -33.12 8.65 37.11
N PRO B 480 -34.45 8.90 37.13
CA PRO B 480 -35.36 7.94 37.77
C PRO B 480 -35.26 6.54 37.17
N GLY B 481 -35.06 6.49 35.86
CA GLY B 481 -34.89 5.27 35.10
C GLY B 481 -33.70 4.44 35.57
N GLU B 482 -32.54 5.10 35.82
CA GLU B 482 -31.37 4.41 36.31
C GLU B 482 -31.59 3.99 37.77
N ILE B 483 -32.13 4.89 38.61
CA ILE B 483 -32.42 4.54 39.98
C ILE B 483 -33.30 3.33 40.02
N ASN B 484 -34.34 3.27 39.17
CA ASN B 484 -35.24 2.13 39.20
C ASN B 484 -34.59 0.84 38.75
N ARG B 485 -33.73 0.90 37.73
CA ARG B 485 -33.02 -0.27 37.22
C ARG B 485 -32.19 -0.89 38.33
N VAL B 486 -31.39 -0.04 38.99
CA VAL B 486 -30.55 -0.39 40.11
C VAL B 486 -31.42 -0.98 41.25
N ALA B 487 -32.47 -0.26 41.69
CA ALA B 487 -33.38 -0.71 42.75
C ALA B 487 -34.00 -2.10 42.50
N SER B 488 -34.47 -2.35 41.26
CA SER B 488 -35.09 -3.60 40.84
C SER B 488 -34.07 -4.72 40.85
N CYS B 489 -32.93 -4.45 40.22
CA CYS B 489 -31.84 -5.39 40.09
C CYS B 489 -31.38 -5.92 41.43
N LEU B 490 -31.29 -5.02 42.42
CA LEU B 490 -30.94 -5.33 43.80
C LEU B 490 -31.97 -6.32 44.38
N ARG B 491 -33.30 -6.04 44.17
CA ARG B 491 -34.45 -6.83 44.64
C ARG B 491 -34.45 -8.24 44.10
N LYS B 492 -34.24 -8.40 42.78
CA LYS B 492 -34.23 -9.74 42.17
C LYS B 492 -33.02 -10.57 42.60
N LEU B 493 -31.92 -9.88 42.92
CA LEU B 493 -30.67 -10.55 43.29
C LEU B 493 -30.54 -10.73 44.81
N GLY B 494 -31.47 -10.16 45.56
CA GLY B 494 -31.47 -10.30 47.01
C GLY B 494 -30.41 -9.50 47.73
N VAL B 495 -29.82 -8.53 47.01
CA VAL B 495 -28.84 -7.56 47.50
C VAL B 495 -29.62 -6.58 48.40
N PRO B 496 -29.08 -6.15 49.56
CA PRO B 496 -29.82 -5.14 50.38
C PRO B 496 -30.03 -3.80 49.64
N PRO B 497 -31.04 -2.99 50.03
CA PRO B 497 -31.28 -1.73 49.31
C PRO B 497 -30.18 -0.68 49.49
N LEU B 498 -30.26 0.41 48.69
CA LEU B 498 -29.26 1.49 48.66
C LEU B 498 -29.08 2.19 49.99
N ARG B 499 -30.11 2.27 50.84
CA ARG B 499 -29.91 2.91 52.15
C ARG B 499 -28.95 2.11 53.03
N VAL B 500 -29.01 0.77 52.97
CA VAL B 500 -28.15 -0.15 53.71
C VAL B 500 -26.69 0.11 53.31
N TRP B 501 -26.49 0.30 51.99
CA TRP B 501 -25.19 0.56 51.40
C TRP B 501 -24.57 1.88 51.87
N ARG B 502 -25.41 2.93 52.04
CA ARG B 502 -24.96 4.24 52.53
C ARG B 502 -24.44 4.06 53.95
N HIS B 503 -25.18 3.29 54.80
CA HIS B 503 -24.78 2.99 56.16
C HIS B 503 -23.38 2.36 56.17
N ARG B 504 -23.20 1.29 55.40
CA ARG B 504 -21.95 0.53 55.34
C ARG B 504 -20.75 1.36 54.85
N ALA B 505 -20.99 2.23 53.86
CA ALA B 505 -19.95 3.07 53.29
C ALA B 505 -19.49 4.10 54.29
N ARG B 506 -20.43 4.59 55.16
CA ARG B 506 -20.09 5.53 56.24
C ARG B 506 -18.99 4.97 57.15
N SER B 507 -19.07 3.67 57.46
CA SER B 507 -18.10 2.92 58.25
C SER B 507 -16.80 2.66 57.49
N VAL B 508 -16.91 2.12 56.25
CA VAL B 508 -15.76 1.83 55.36
C VAL B 508 -14.92 3.11 55.20
N ARG B 509 -15.61 4.26 54.92
CA ARG B 509 -14.98 5.59 54.78
C ARG B 509 -14.26 5.97 56.06
N ALA B 510 -14.94 5.85 57.23
CA ALA B 510 -14.36 6.14 58.53
C ALA B 510 -13.05 5.38 58.76
N ARG B 511 -13.04 4.06 58.48
CA ARG B 511 -11.84 3.23 58.66
C ARG B 511 -10.69 3.61 57.71
N LEU B 512 -11.01 3.93 56.44
CA LEU B 512 -10.01 4.32 55.45
C LEU B 512 -9.35 5.64 55.86
N LEU B 513 -10.15 6.61 56.33
CA LEU B 513 -9.67 7.91 56.77
C LEU B 513 -8.64 7.80 57.90
N SER B 514 -8.91 6.90 58.87
CA SER B 514 -8.08 6.70 60.04
C SER B 514 -6.82 5.87 59.76
N GLN B 515 -6.37 5.85 58.50
CA GLN B 515 -5.20 5.08 58.04
C GLN B 515 -4.21 5.94 57.27
N GLY B 516 -4.66 7.12 56.87
CA GLY B 516 -3.88 8.09 56.10
C GLY B 516 -3.41 7.57 54.75
N GLY B 517 -2.57 8.37 54.12
CA GLY B 517 -1.98 8.08 52.83
C GLY B 517 -3.03 7.83 51.78
N ARG B 518 -2.74 6.91 50.86
CA ARG B 518 -3.67 6.58 49.80
C ARG B 518 -5.01 6.09 50.34
N ALA B 519 -4.99 5.28 51.43
CA ALA B 519 -6.20 4.74 52.08
C ALA B 519 -7.20 5.83 52.39
N ALA B 520 -6.73 6.94 52.99
CA ALA B 520 -7.59 8.08 53.33
C ALA B 520 -8.07 8.84 52.06
N THR B 521 -7.29 8.79 50.97
CA THR B 521 -7.72 9.39 49.71
C THR B 521 -8.91 8.58 49.17
N CYS B 522 -8.83 7.23 49.33
CA CYS B 522 -9.91 6.33 48.97
C CYS B 522 -11.16 6.67 49.81
N GLY B 523 -10.98 6.90 51.11
CA GLY B 523 -12.07 7.28 52.00
C GLY B 523 -12.73 8.56 51.55
N LYS B 524 -11.92 9.64 51.46
CA LYS B 524 -12.33 11.00 51.07
C LYS B 524 -13.06 11.07 49.70
N TYR B 525 -12.43 10.53 48.63
CA TYR B 525 -12.94 10.64 47.27
C TYR B 525 -13.98 9.59 46.92
N LEU B 526 -13.64 8.31 47.06
CA LEU B 526 -14.56 7.23 46.73
C LEU B 526 -15.86 7.20 47.52
N PHE B 527 -15.86 7.73 48.75
CA PHE B 527 -17.04 7.64 49.61
C PHE B 527 -17.62 8.97 50.07
N ASN B 528 -17.35 10.03 49.30
CA ASN B 528 -17.89 11.34 49.62
C ASN B 528 -19.40 11.38 49.51
N TRP B 529 -19.95 10.53 48.63
CA TRP B 529 -21.39 10.39 48.44
C TRP B 529 -22.12 9.94 49.70
N ALA B 530 -21.45 9.12 50.55
CA ALA B 530 -22.03 8.48 51.73
C ALA B 530 -22.12 9.35 52.97
N VAL B 531 -21.26 10.37 53.11
CA VAL B 531 -21.28 11.26 54.26
C VAL B 531 -22.24 12.42 54.12
N ARG B 532 -22.96 12.70 55.23
CA ARG B 532 -23.92 13.77 55.48
C ARG B 532 -23.44 15.15 54.98
N THR B 533 -22.27 15.60 55.47
CA THR B 533 -21.58 16.86 55.18
C THR B 533 -20.43 16.57 54.20
N LYS B 534 -20.70 16.78 52.91
CA LYS B 534 -19.76 16.53 51.82
C LYS B 534 -18.59 17.47 51.82
N LEU B 535 -17.40 16.89 51.62
CA LEU B 535 -16.12 17.56 51.55
C LEU B 535 -15.90 18.15 50.16
N LYS B 536 -15.17 19.27 50.09
CA LYS B 536 -14.83 19.89 48.82
C LYS B 536 -13.64 19.10 48.33
N LEU B 537 -13.81 18.49 47.15
CA LEU B 537 -12.80 17.63 46.53
C LEU B 537 -12.06 18.38 45.45
N THR B 538 -10.72 18.43 45.61
CA THR B 538 -9.79 19.12 44.72
C THR B 538 -9.07 18.05 43.89
N PRO B 539 -8.48 18.35 42.72
CA PRO B 539 -7.76 17.29 41.97
C PRO B 539 -6.59 16.65 42.72
N ILE B 540 -6.40 15.34 42.53
CA ILE B 540 -5.30 14.61 43.16
C ILE B 540 -4.03 14.96 42.38
N PRO B 541 -3.02 15.57 43.05
CA PRO B 541 -1.79 15.95 42.33
C PRO B 541 -1.02 14.76 41.74
N ALA B 542 -0.98 13.62 42.45
CA ALA B 542 -0.29 12.40 42.02
C ALA B 542 -0.90 11.72 40.78
N ALA B 543 -2.15 12.10 40.41
CA ALA B 543 -2.90 11.55 39.27
C ALA B 543 -2.26 11.83 37.92
N SER B 544 -1.51 12.96 37.82
CA SER B 544 -0.79 13.38 36.61
C SER B 544 0.42 12.46 36.34
N GLN B 545 1.13 12.02 37.41
CA GLN B 545 2.27 11.09 37.34
C GLN B 545 1.88 9.68 36.83
N LEU B 546 0.56 9.44 36.66
CA LEU B 546 0.06 8.18 36.12
C LEU B 546 -0.04 8.26 34.61
N ASP B 547 0.68 7.36 33.91
CA ASP B 547 0.60 7.28 32.46
C ASP B 547 -0.47 6.27 32.14
N LEU B 548 -1.37 6.62 31.23
CA LEU B 548 -2.42 5.69 30.82
C LEU B 548 -2.37 5.44 29.31
N SER B 549 -1.32 5.99 28.63
CA SER B 549 -1.07 5.86 27.20
C SER B 549 -1.05 4.40 26.74
N SER B 550 -0.43 3.51 27.53
CA SER B 550 -0.34 2.06 27.29
C SER B 550 -1.72 1.37 27.28
N TRP B 551 -2.64 1.82 28.17
CA TRP B 551 -4.00 1.29 28.33
C TRP B 551 -4.92 1.61 27.14
N PHE B 552 -4.47 2.45 26.18
CA PHE B 552 -5.28 2.84 25.01
C PHE B 552 -4.74 2.29 23.65
N VAL B 553 -4.27 1.02 23.68
CA VAL B 553 -3.82 0.23 22.52
C VAL B 553 -5.06 -0.65 22.13
N ALA B 554 -4.95 -2.00 22.16
CA ALA B 554 -6.00 -2.97 21.86
C ALA B 554 -5.49 -4.39 22.18
N GLY B 555 -6.34 -5.17 22.82
CA GLY B 555 -6.06 -6.54 23.22
C GLY B 555 -7.32 -7.28 23.62
N TYR B 556 -8.49 -6.74 23.21
CA TYR B 556 -9.82 -7.27 23.47
C TYR B 556 -9.99 -8.71 23.00
N SER B 557 -10.58 -9.55 23.88
CA SER B 557 -10.85 -10.99 23.72
C SER B 557 -9.62 -11.82 23.21
N GLY B 558 -8.42 -11.30 23.46
CA GLY B 558 -7.15 -11.92 23.07
C GLY B 558 -6.22 -11.02 22.27
N GLY B 559 -5.18 -10.55 22.94
CA GLY B 559 -4.17 -9.67 22.36
C GLY B 559 -2.78 -9.86 22.92
N ASP B 560 -2.71 -10.33 24.21
CA ASP B 560 -1.49 -10.62 24.99
C ASP B 560 -0.68 -9.35 25.31
N ILE B 561 -1.32 -8.30 25.87
CA ILE B 561 -0.62 -7.04 26.19
C ILE B 561 -0.69 -6.73 27.70
N TYR B 562 0.51 -6.48 28.30
CA TYR B 562 0.74 -6.15 29.72
C TYR B 562 0.62 -4.66 30.02
N HIS B 563 -0.25 -4.31 30.98
CA HIS B 563 -0.43 -2.92 31.38
C HIS B 563 -0.12 -2.73 32.87
N SER B 564 0.97 -1.99 33.15
CA SER B 564 1.40 -1.67 34.51
C SER B 564 1.11 -0.17 34.72
N LEU B 565 0.41 0.17 35.83
CA LEU B 565 0.02 1.55 36.15
C LEU B 565 1.19 2.46 36.57
N1 23E C . 24.19 7.41 -52.46
C2 23E C . 24.50 7.37 -53.89
C3 23E C . 24.04 8.65 -54.62
N4 23E C . 24.37 9.82 -54.03
C5 23E C . 24.18 11.14 -54.54
O6 23E C . 23.39 8.56 -55.64
C7 23E C . 24.88 12.22 -54.00
C8 23E C . 24.64 13.50 -54.45
C9 23E C . 23.73 13.75 -55.48
C10 23E C . 23.05 12.66 -56.02
C11 23E C . 23.26 11.38 -55.56
C12 23E C . 23.40 15.07 -56.02
C13 23E C . 23.86 16.25 -55.64
C14 23E C . 23.45 17.49 -56.35
O15 23E C . 22.67 17.41 -57.32
C16 23E C . 23.96 6.08 -54.50
C17 23E C . 26.02 7.21 -54.09
C18 23E C . 24.94 5.72 -55.62
C19 23E C . 26.11 6.62 -55.48
O20 23E C . 23.95 18.63 -55.92
C21 23E C . 22.93 7.63 -52.01
C22 23E C . 22.74 7.64 -50.53
C23 23E C . 21.48 7.43 -49.96
C24 23E C . 21.31 7.34 -48.59
C25 23E C . 23.84 7.84 -49.68
N26 23E C . 24.59 7.82 -47.31
C27 23E C . 23.66 7.72 -48.32
C28 23E C . 22.42 7.45 -47.75
C29 23E C . 22.61 7.35 -46.33
C30 23E C . 23.95 7.59 -46.10
C31 23E C . 21.58 6.94 -45.33
C32 23E C . 24.76 7.67 -44.87
C33 23E C . 20.48 7.99 -45.16
C34 23E C . 19.43 7.58 -44.12
C35 23E C . 18.85 6.23 -44.46
C36 23E C . 19.93 5.19 -44.57
C37 23E C . 20.95 5.58 -45.64
O38 23E C . 21.98 7.78 -52.79
C39 23E C . 24.20 8.25 -43.72
C40 23E C . 24.88 8.21 -42.52
C41 23E C . 26.13 7.63 -42.44
C42 23E C . 26.72 7.10 -43.57
C43 23E C . 26.04 7.11 -44.79
C44 23E C . 25.99 8.20 -47.48
N45 23E C . 26.69 6.50 -45.89
C46 23E C . 26.73 6.93 -47.17
O47 23E C . 27.32 6.29 -48.04
HN1 23E C . 24.97 7.20 -51.85
HN4 23E C . 24.81 9.82 -53.12
H7 23E C . 25.62 12.05 -53.21
H8 23E C . 25.17 14.33 -53.98
H10 23E C . 22.36 12.80 -56.84
H11 23E C . 22.62 10.62 -56.00
H12 23E C . 22.70 15.03 -56.85
H13 23E C . 24.57 16.36 -54.81
H16 23E C . 23.88 5.25 -53.78
H16A 23E C . 22.94 6.18 -54.85
H17 23E C . 26.55 8.15 -54.02
H17A 23E C . 26.47 6.57 -53.32
H18 23E C . 25.18 4.67 -55.67
H18A 23E C . 24.45 5.91 -56.59
H19 23E C . 26.15 7.39 -56.25
H19A 23E C . 27.04 6.07 -55.61
HO20 23E C . 24.56 18.54 -55.13
H23 23E C . 20.59 7.34 -50.58
H24 23E C . 20.31 7.22 -48.19
H25 23E C . 24.79 8.13 -50.09
H31 23E C . 22.06 6.81 -44.36
H33 23E C . 20.92 8.95 -44.92
H33A 23E C . 19.98 8.15 -46.12
H34 23E C . 19.87 7.56 -43.12
H34A 23E C . 18.63 8.32 -44.03
H35 23E C . 18.09 5.94 -43.73
H35A 23E C . 18.31 6.29 -45.40
H36 23E C . 20.45 5.08 -43.63
H36A 23E C . 19.52 4.20 -44.78
H37 23E C . 20.44 5.58 -46.61
H37A 23E C . 21.72 4.81 -45.73
H39 23E C . 23.22 8.73 -43.78
H40 23E C . 24.43 8.65 -41.62
H41 23E C . 26.65 7.56 -41.49
H42 23E C . 27.72 6.68 -43.50
H44 23E C . 26.23 8.51 -48.51
H44A 23E C . 26.29 9.03 -46.86
HN45 23E C . 27.18 5.63 -45.68
S SO4 D . -1.29 -20.34 -14.83
O1 SO4 D . -0.14 -19.96 -14.01
O2 SO4 D . -0.96 -20.32 -16.27
O3 SO4 D . -1.74 -21.68 -14.43
O4 SO4 D . -2.39 -19.38 -14.55
S SO4 E . 25.59 9.46 -18.21
O1 SO4 E . 25.19 9.21 -19.60
O2 SO4 E . 25.98 10.88 -18.03
O3 SO4 E . 26.73 8.60 -17.84
O4 SO4 E . 24.45 9.16 -17.33
S SO4 F . -3.98 -4.78 -48.60
O1 SO4 F . -2.79 -4.06 -49.13
O2 SO4 F . -4.46 -5.78 -49.54
O3 SO4 F . -3.60 -5.46 -47.35
O4 SO4 F . -5.06 -3.83 -48.30
S SO4 G . 18.81 21.56 -51.64
O1 SO4 G . 18.14 22.39 -52.65
O2 SO4 G . 20.25 21.56 -51.92
O3 SO4 G . 18.28 20.20 -51.69
O4 SO4 G . 18.59 22.13 -50.29
S SO4 H . 13.18 26.07 -34.45
O1 SO4 H . 13.81 27.07 -35.34
O2 SO4 H . 13.67 24.72 -34.82
O3 SO4 H . 13.53 26.34 -33.07
O4 SO4 H . 11.71 26.10 -34.55
S SO4 I . -10.49 -6.05 -3.65
O1 SO4 I . -10.24 -4.79 -4.43
O2 SO4 I . -9.87 -7.21 -4.27
O3 SO4 I . -9.95 -6.03 -2.28
O4 SO4 I . -11.94 -6.23 -3.62
N1 23E J . -26.32 -9.95 53.02
C2 23E J . -26.85 -9.97 54.38
C3 23E J . -27.69 -8.73 54.71
N4 23E J . -28.69 -8.46 53.83
C5 23E J . -29.72 -7.50 53.97
O6 23E J . -27.46 -8.09 55.73
C7 23E J . -30.85 -7.60 53.16
C8 23E J . -31.86 -6.65 53.25
C9 23E J . -31.78 -5.60 54.15
C10 23E J . -30.64 -5.52 54.96
C11 23E J . -29.62 -6.44 54.86
C12 23E J . -32.84 -4.58 54.22
C13 23E J . -32.87 -3.50 55.02
C14 23E J . -33.99 -2.53 55.06
O15 23E J . -34.99 -2.72 54.36
C16 23E J . -25.69 -10.20 55.37
C17 23E J . -27.70 -11.23 54.60
C18 23E J . -26.27 -11.08 56.47
C19 23E J . -27.71 -11.40 56.08
O20 23E J . -33.89 -1.51 55.89
C21 23E J . -25.81 -8.83 52.45
C22 23E J . -25.40 -8.93 51.02
C23 23E J . -24.24 -8.30 50.58
C24 23E J . -23.84 -8.37 49.26
C25 23E J . -26.17 -9.66 50.11
N26 23E J . -26.26 -10.51 47.74
C27 23E J . -25.74 -9.76 48.79
C28 23E J . -24.57 -9.14 48.35
C29 23E J . -24.37 -9.55 46.98
C30 23E J . -25.40 -10.38 46.65
C31 23E J . -23.27 -9.10 46.08
C32 23E J . -25.65 -11.17 45.44
C33 23E J . -23.39 -7.59 45.78
C34 23E J . -22.29 -7.13 44.84
C35 23E J . -20.92 -7.43 45.39
C36 23E J . -20.77 -8.93 45.68
C37 23E J . -21.87 -9.42 46.61
O38 23E J . -25.71 -7.78 53.07
C39 23E J . -25.50 -10.57 44.18
C40 23E J . -25.63 -11.34 43.03
C41 23E J . -25.94 -12.67 43.11
C42 23E J . -26.10 -13.28 44.34
C43 23E J . -25.97 -12.54 45.52
C44 23E J . -27.47 -11.32 47.77
N45 23E J . -26.23 -13.22 46.74
C46 23E J . -26.93 -12.76 47.79
O47 23E J . -27.16 -13.48 48.77
HN1 23E J . -26.35 -10.83 52.52
HN4 23E J . -28.74 -8.97 52.95
H7 23E J . -30.93 -8.41 52.44
H8 23E J . -32.74 -6.75 52.62
H10 23E J . -30.52 -4.72 55.70
H11 23E J . -28.74 -6.24 55.46
H12 23E J . -33.65 -4.75 53.52
H13 23E J . -32.06 -3.28 55.71
H16 23E J . -24.81 -10.67 54.90
H16A 23E J . -25.27 -9.27 55.73
H17 23E J . -28.72 -11.10 54.23
H17A 23E J . -27.34 -12.10 54.06
H18 23E J . -25.65 -11.94 56.67
H18A 23E J . -26.25 -10.52 57.40
H19 23E J . -28.45 -10.77 56.57
H19A 23E J . -27.99 -12.41 56.35
HO20 23E J . -33.05 -1.50 56.41
H23 23E J . -23.60 -7.75 51.27
H24 23E J . -22.97 -7.80 48.95
H25 23E J . -27.10 -10.13 50.44
H31 23E J . -23.33 -9.63 45.13
H33 23E J . -24.37 -7.36 45.37
H33A 23E J . -23.34 -7.02 46.71
H34 23E J . -22.41 -7.60 43.86
H34A 23E J . -22.37 -6.06 44.62
H35 23E J . -20.15 -7.10 44.71
H35A 23E J . -20.76 -6.87 46.30
H36 23E J . -20.82 -9.49 44.74
H36A 23E J . -19.79 -9.14 46.08
H37 23E J . -21.71 -9.00 47.60
H37A 23E J . -21.79 -10.50 46.76
H39 23E J . -25.29 -9.51 44.11
H40 23E J . -25.47 -10.85 42.06
H41 23E J . -26.06 -13.26 42.20
H42 23E J . -26.32 -14.35 44.37
H44 23E J . -28.08 -11.12 48.64
H44A 23E J . -28.10 -11.11 46.90
HN45 23E J . -25.81 -14.14 46.81
C13 7NG K . -19.18 1.39 25.44
C17 7NG K . -18.71 1.90 21.79
C15 7NG K . -17.17 0.59 24.49
C20 7NG K . -19.11 1.25 19.48
C21 7NG K . -15.39 -0.31 25.96
C22 7NG K . -14.52 0.42 26.76
C23 7NG K . -13.20 0.01 26.96
C24 7NG K . -12.76 -1.16 26.36
C11 7NG K . -17.73 0.41 26.88
C27 7NG K . -12.36 0.94 27.80
C33 7NG K . -9.96 2.28 29.08
C1 7NG K . -22.63 4.45 21.78
C2 7NG K . -23.70 4.46 22.62
C3 7NG K . -23.77 3.70 23.76
C4 7NG K . -22.67 2.93 24.10
C5 7NG K . -21.52 2.95 23.31
C6 7NG K . -21.53 3.70 22.14
C7 7NG K . -20.30 2.29 23.79
C8 7NG K . -19.15 1.84 23.21
F9 7NG K . -24.73 5.32 22.36
C10 7NG K . -16.79 0.17 25.76
N12 7NG K . -18.92 0.98 26.67
C14 7NG K . -18.40 1.24 24.31
O16 7NG K . -20.31 2.04 25.14
N18 7NG K . -19.32 1.11 20.91
O19 7NG K . -17.80 2.67 21.48
C25 7NG K . -13.62 -1.91 25.57
C26 7NG K . -14.92 -1.48 25.36
O28 7NG K . -12.49 2.16 27.71
C29 7NG K . -11.50 1.43 30.83
C30 7NG K . -10.63 1.04 29.65
N31 7NG K . -11.50 0.36 28.66
C32 7NG K . -9.56 0.06 30.10
N34 7NG K . -17.34 0.26 28.15
C35 7NG K . -17.86 1.26 29.16
C36 7NG K . -17.20 1.18 30.45
H41 7NG K . -16.51 0.40 23.63
H45 7NG K . -19.70 0.52 18.94
H43 7NG K . -19.40 2.24 19.13
H44 7NG K . -18.07 1.10 19.18
H46 7NG K . -14.90 1.32 27.24
H47 7NG K . -11.72 -1.48 26.50
H59 7NG K . -9.06 2.54 29.64
H57 7NG K . -9.65 2.15 28.04
H58 7NG K . -10.59 3.18 29.11
H37 7NG K . -22.63 5.03 20.86
H38 7NG K . -24.66 3.71 24.40
H39 7NG K . -22.74 2.31 24.99
H40 7NG K . -20.66 3.71 21.49
H42 7NG K . -19.95 0.38 21.21
H48 7NG K . -13.26 -2.83 25.11
H49 7NG K . -15.59 -2.07 24.73
H52 7NG K . -12.11 0.58 31.16
H50 7NG K . -10.92 1.73 31.70
H51 7NG K . -12.19 2.26 30.64
H53 7NG K . -11.44 -0.65 28.67
H56 7NG K . -10.00 -0.87 30.46
H55 7NG K . -8.88 -0.21 29.30
H54 7NG K . -8.94 0.43 30.91
H60 7NG K . -16.72 -0.49 28.45
H61 7NG K . -17.74 2.26 28.75
H62 7NG K . -18.92 1.13 29.30
H65 7NG K . -17.54 1.94 31.16
H64 7NG K . -17.35 0.21 30.92
H63 7NG K . -16.13 1.33 30.34
S SO4 L . 17.97 -7.98 18.98
O1 SO4 L . 18.66 -7.14 18.01
O2 SO4 L . 17.98 -9.37 18.51
O3 SO4 L . 18.66 -7.89 20.27
O4 SO4 L . 16.59 -7.53 19.12
S SO4 M . 0.69 4.72 51.46
O1 SO4 M . 0.88 6.15 51.76
O2 SO4 M . 0.67 4.50 50.02
O3 SO4 M . 1.77 3.95 52.03
O4 SO4 M . -0.59 4.26 52.04
S SO4 N . -27.32 21.91 32.36
O1 SO4 N . -28.57 21.66 31.58
O2 SO4 N . -26.06 21.58 31.65
O3 SO4 N . -27.37 21.14 33.58
O4 SO4 N . -27.25 23.33 32.68
S SO4 O . -29.60 12.76 45.44
O1 SO4 O . -29.18 14.00 44.76
O2 SO4 O . -29.04 11.56 44.74
O3 SO4 O . -29.10 12.83 46.82
O4 SO4 O . -31.07 12.71 45.45
S SO4 P . -22.27 -13.56 19.21
O1 SO4 P . -23.51 -13.24 18.47
O2 SO4 P . -21.12 -12.96 18.52
O3 SO4 P . -22.11 -15.00 19.28
O4 SO4 P . -22.32 -13.02 20.57
S SO4 Q . -11.65 12.09 11.48
O1 SO4 Q . -10.79 13.21 11.06
O2 SO4 Q . -11.14 10.84 10.89
O3 SO4 Q . -11.57 12.00 12.93
O4 SO4 Q . -13.03 12.30 11.06
#